data_7XBB
#
_entry.id   7XBB
#
_cell.length_a   58.057
_cell.length_b   80.416
_cell.length_c   162.918
_cell.angle_alpha   90.000
_cell.angle_beta   90.000
_cell.angle_gamma   90.000
#
_symmetry.space_group_name_H-M   'P 21 21 21'
#
loop_
_entity.id
_entity.type
_entity.pdbx_description
1 polymer "Isoform 3 of cAMP-specific 3',5'-cyclic phosphodiesterase 4D"
2 non-polymer 'ZINC ION'
3 non-polymer 'MAGNESIUM ION'
4 non-polymer (2~{R},4~{S})-6-ethyl-2-[(2~{E})-2-hydroxyiminoethyl]-2,8-dimethyl-4-(2-methylprop-1-enyl)-3,4-dihydropyrano[3,2-c][1,8]naphthyridin-5-one
5 water water
#
_entity_poly.entity_id   1
_entity_poly.type   'polypeptide(L)'
_entity_poly.pdbx_seq_one_letter_code
;MASNKFKRMLNRELTHLSEMSRSGNQVSEFISNTFLDKQHEVEIPSPTQKEKEKKKRPMSQISGVKKLMHSSSLTNSSIP
RFGVKTEQEDVLAKELEDVNKWGLHVFRIAELSGNRPLTVIMHTIFQERDLLKTFKIPVDTLITYLMTLEDHYHADVAYH
NNIHAADVVQSTHVLLSTPALEAVFTDLEILAAIFASAIHDVDHPGVSNQFLINTNSELALMYNDSSVLENHHLAVGFKL
LQEENCDIFQNLTKKQRQSLRKMVIDIVLATDMSKHMNLLADLKTMVETKKVTSSGVLLLDNYSDRIQVLQNMVHCADLS
NPTKPLQLYRQWTDRIMEEFFRQGDRERERGMEISPMCDKHNASVEKSQVGFIDYIVHPLWETWADLVHPDAQDILDTLE
DNREWYQSTIPQSPSPAPDDPEEGRQGQTEKFQFELTLEEDGESDTEKDSGSQVEEDTSCSDSKTLCTQDSESTEIPLDE
QVEEEAVGEEEESQPEACVIDDRSPDT
;
_entity_poly.pdbx_strand_id   A,B
#
loop_
_chem_comp.id
_chem_comp.type
_chem_comp.name
_chem_comp.formula
B6V non-polymer (2~{R},4~{S})-6-ethyl-2-[(2~{E})-2-hydroxyiminoethyl]-2,8-dimethyl-4-(2-methylprop-1-enyl)-3,4-dihydropyrano[3,2-c][1,8]naphthyridin-5-one 'C21 H27 N3 O3'
MG non-polymer 'MAGNESIUM ION' 'Mg 2'
ZN non-polymer 'ZINC ION' 'Zn 2'
#
# COMPACT_ATOMS: atom_id res chain seq x y z
N GLN A 88 -29.77 -34.59 -7.91
CA GLN A 88 -28.93 -33.44 -8.25
C GLN A 88 -28.02 -33.07 -7.09
N GLU A 89 -28.52 -33.18 -5.86
CA GLU A 89 -27.61 -33.14 -4.71
C GLU A 89 -26.66 -34.33 -4.74
N ASP A 90 -27.20 -35.52 -5.05
CA ASP A 90 -26.36 -36.70 -5.26
C ASP A 90 -25.28 -36.42 -6.31
N VAL A 91 -25.67 -35.80 -7.42
CA VAL A 91 -24.74 -35.56 -8.52
C VAL A 91 -23.67 -34.55 -8.11
N LEU A 92 -24.07 -33.47 -7.44
CA LEU A 92 -23.10 -32.50 -6.92
C LEU A 92 -22.14 -33.16 -5.95
N ALA A 93 -22.68 -33.95 -5.02
CA ALA A 93 -21.84 -34.62 -4.03
C ALA A 93 -20.83 -35.55 -4.69
N LYS A 94 -21.23 -36.20 -5.78
CA LYS A 94 -20.31 -37.03 -6.54
C LYS A 94 -19.20 -36.19 -7.16
N GLU A 95 -19.58 -35.06 -7.79
CA GLU A 95 -18.57 -34.18 -8.38
C GLU A 95 -17.61 -33.65 -7.34
N LEU A 96 -18.09 -33.42 -6.11
CA LEU A 96 -17.22 -32.93 -5.05
C LEU A 96 -16.27 -33.99 -4.51
N GLU A 97 -16.42 -35.26 -4.93
CA GLU A 97 -15.42 -36.26 -4.59
C GLU A 97 -14.09 -36.00 -5.30
N ASP A 98 -14.06 -35.16 -6.32
CA ASP A 98 -12.86 -34.86 -7.09
C ASP A 98 -12.10 -33.66 -6.56
N VAL A 99 -12.43 -33.19 -5.35
CA VAL A 99 -11.88 -31.93 -4.85
C VAL A 99 -10.36 -31.97 -4.70
N ASN A 100 -9.78 -33.17 -4.55
CA ASN A 100 -8.34 -33.31 -4.43
C ASN A 100 -7.63 -33.44 -5.78
N LYS A 101 -8.35 -33.30 -6.89
CA LYS A 101 -7.77 -33.55 -8.20
C LYS A 101 -7.68 -32.26 -9.02
N TRP A 102 -6.58 -32.16 -9.75
CA TRP A 102 -6.39 -31.09 -10.72
C TRP A 102 -7.38 -31.25 -11.86
N GLY A 103 -8.07 -30.17 -12.21
CA GLY A 103 -9.02 -30.27 -13.29
C GLY A 103 -10.38 -30.77 -12.88
N LEU A 104 -10.69 -30.76 -11.58
CA LEU A 104 -12.05 -30.75 -11.07
C LEU A 104 -12.96 -29.97 -12.02
N HIS A 105 -14.20 -30.40 -12.23
CA HIS A 105 -15.03 -29.65 -13.16
C HIS A 105 -15.80 -28.58 -12.40
N VAL A 106 -15.14 -27.43 -12.24
CA VAL A 106 -15.66 -26.35 -11.41
C VAL A 106 -16.90 -25.72 -12.04
N PHE A 107 -17.02 -25.77 -13.37
CA PHE A 107 -18.19 -25.17 -14.01
C PHE A 107 -19.44 -26.00 -13.79
N ARG A 108 -19.33 -27.33 -13.86
CA ARG A 108 -20.43 -28.19 -13.45
C ARG A 108 -20.85 -27.90 -12.03
N ILE A 109 -19.87 -27.88 -11.12
CA ILE A 109 -20.16 -27.64 -9.70
C ILE A 109 -20.83 -26.29 -9.51
N ALA A 110 -20.49 -25.30 -10.33
CA ALA A 110 -21.21 -24.02 -10.28
C ALA A 110 -22.67 -24.22 -10.65
N GLU A 111 -22.95 -25.00 -11.69
CA GLU A 111 -24.33 -25.27 -12.08
C GLU A 111 -25.02 -26.17 -11.05
N LEU A 112 -24.34 -27.24 -10.63
CA LEU A 112 -24.97 -28.20 -9.74
C LEU A 112 -25.18 -27.64 -8.33
N SER A 113 -24.51 -26.56 -7.97
CA SER A 113 -24.66 -25.95 -6.65
C SER A 113 -25.59 -24.76 -6.65
N GLY A 114 -26.25 -24.46 -7.77
CA GLY A 114 -27.06 -23.27 -7.85
C GLY A 114 -26.21 -22.03 -7.77
N ASN A 115 -25.15 -22.00 -8.58
CA ASN A 115 -24.18 -20.91 -8.62
C ASN A 115 -23.59 -20.64 -7.24
N ARG A 116 -23.27 -21.71 -6.50
CA ARG A 116 -22.54 -21.55 -5.26
C ARG A 116 -21.24 -22.38 -5.26
N PRO A 117 -20.40 -22.28 -6.30
CA PRO A 117 -19.18 -23.10 -6.31
C PRO A 117 -18.23 -22.77 -5.17
N LEU A 118 -18.09 -21.49 -4.83
CA LEU A 118 -17.14 -21.11 -3.79
C LEU A 118 -17.56 -21.65 -2.42
N THR A 119 -18.85 -21.55 -2.09
CA THR A 119 -19.33 -22.06 -0.81
C THR A 119 -19.14 -23.57 -0.71
N VAL A 120 -19.61 -24.31 -1.71
CA VAL A 120 -19.58 -25.77 -1.60
C VAL A 120 -18.16 -26.30 -1.68
N ILE A 121 -17.31 -25.68 -2.50
CA ILE A 121 -15.94 -26.14 -2.60
C ILE A 121 -15.16 -25.79 -1.34
N MET A 122 -15.35 -24.58 -0.81
CA MET A 122 -14.69 -24.21 0.44
C MET A 122 -15.16 -25.09 1.60
N HIS A 123 -16.48 -25.30 1.71
CA HIS A 123 -17.00 -26.18 2.76
C HIS A 123 -16.39 -27.56 2.65
N THR A 124 -16.44 -28.15 1.44
CA THR A 124 -15.84 -29.47 1.21
C THR A 124 -14.39 -29.50 1.65
N ILE A 125 -13.61 -28.49 1.25
CA ILE A 125 -12.19 -28.46 1.56
C ILE A 125 -11.97 -28.33 3.06
N PHE A 126 -12.74 -27.48 3.74
CA PHE A 126 -12.60 -27.35 5.18
C PHE A 126 -12.90 -28.68 5.87
N GLN A 127 -13.91 -29.41 5.40
CA GLN A 127 -14.17 -30.74 5.94
C GLN A 127 -13.03 -31.70 5.64
N GLU A 128 -12.52 -31.68 4.41
CA GLU A 128 -11.43 -32.56 4.03
C GLU A 128 -10.24 -32.42 4.93
N ARG A 129 -9.82 -31.19 5.15
CA ARG A 129 -8.67 -30.89 5.99
C ARG A 129 -9.03 -30.80 7.46
N ASP A 130 -10.28 -31.07 7.82
CA ASP A 130 -10.73 -31.07 9.21
C ASP A 130 -10.53 -29.69 9.86
N LEU A 131 -10.68 -28.62 9.07
CA LEU A 131 -10.40 -27.29 9.59
C LEU A 131 -11.46 -26.81 10.57
N LEU A 132 -12.70 -27.33 10.47
CA LEU A 132 -13.75 -26.90 11.38
C LEU A 132 -13.44 -27.33 12.81
N LYS A 133 -12.99 -28.57 13.01
CA LYS A 133 -12.56 -28.99 14.34
C LYS A 133 -11.27 -28.31 14.75
N THR A 134 -10.28 -28.29 13.86
CA THR A 134 -9.00 -27.73 14.28
C THR A 134 -9.14 -26.32 14.84
N PHE A 135 -9.97 -25.49 14.21
CA PHE A 135 -10.10 -24.08 14.59
C PHE A 135 -11.46 -23.75 15.19
N LYS A 136 -12.21 -24.77 15.62
CA LYS A 136 -13.51 -24.61 16.27
C LYS A 136 -14.42 -23.66 15.49
N ILE A 137 -14.55 -23.92 14.20
CA ILE A 137 -15.36 -23.12 13.31
C ILE A 137 -16.79 -23.68 13.32
N PRO A 138 -17.77 -22.97 13.81
CA PRO A 138 -19.16 -23.45 13.69
C PRO A 138 -19.56 -23.55 12.22
N VAL A 139 -20.23 -24.65 11.89
CA VAL A 139 -20.57 -24.94 10.51
C VAL A 139 -21.46 -23.85 9.93
N ASP A 140 -22.45 -23.37 10.70
CA ASP A 140 -23.34 -22.36 10.16
C ASP A 140 -22.64 -21.01 10.02
N THR A 141 -21.65 -20.73 10.87
CA THR A 141 -20.84 -19.53 10.69
C THR A 141 -20.06 -19.60 9.38
N LEU A 142 -19.44 -20.76 9.13
CA LEU A 142 -18.70 -20.96 7.89
C LEU A 142 -19.59 -20.74 6.67
N ILE A 143 -20.76 -21.38 6.66
CA ILE A 143 -21.67 -21.26 5.52
C ILE A 143 -22.12 -19.82 5.33
N THR A 144 -22.45 -19.15 6.43
CA THR A 144 -22.93 -17.77 6.33
C THR A 144 -21.85 -16.85 5.78
N TYR A 145 -20.61 -16.99 6.26
CA TYR A 145 -19.53 -16.19 5.69
C TYR A 145 -19.32 -16.51 4.22
N LEU A 146 -19.16 -17.80 3.89
CA LEU A 146 -18.93 -18.19 2.51
C LEU A 146 -20.02 -17.66 1.60
N MET A 147 -21.28 -17.78 2.01
CA MET A 147 -22.39 -17.27 1.20
C MET A 147 -22.30 -15.76 1.03
N THR A 148 -22.00 -15.03 2.11
CA THR A 148 -21.88 -13.58 2.01
C THR A 148 -20.70 -13.18 1.14
N LEU A 149 -19.55 -13.85 1.31
CA LEU A 149 -18.39 -13.57 0.48
C LEU A 149 -18.67 -13.85 -0.99
N GLU A 150 -19.32 -14.98 -1.27
CA GLU A 150 -19.67 -15.33 -2.64
C GLU A 150 -20.58 -14.27 -3.27
N ASP A 151 -21.52 -13.72 -2.49
CA ASP A 151 -22.42 -12.70 -3.01
C ASP A 151 -21.66 -11.48 -3.50
N HIS A 152 -20.53 -11.15 -2.87
CA HIS A 152 -19.80 -9.94 -3.21
C HIS A 152 -18.83 -10.14 -4.37
N TYR A 153 -18.76 -11.35 -4.93
CA TYR A 153 -18.24 -11.51 -6.28
C TYR A 153 -19.34 -11.13 -7.28
N HIS A 154 -18.95 -10.50 -8.37
CA HIS A 154 -19.90 -9.96 -9.33
C HIS A 154 -20.36 -11.07 -10.26
N ALA A 155 -21.63 -11.44 -10.17
CA ALA A 155 -22.18 -12.44 -11.07
C ALA A 155 -22.16 -12.00 -12.53
N ASP A 156 -22.09 -10.69 -12.79
CA ASP A 156 -22.13 -10.17 -14.15
C ASP A 156 -20.76 -9.84 -14.71
N VAL A 157 -19.69 -10.38 -14.11
CA VAL A 157 -18.33 -10.22 -14.60
C VAL A 157 -17.86 -11.61 -15.05
N ALA A 158 -17.42 -11.71 -16.30
CA ALA A 158 -17.34 -13.01 -16.96
C ALA A 158 -16.19 -13.87 -16.44
N TYR A 159 -15.08 -13.26 -16.03
CA TYR A 159 -13.96 -14.04 -15.50
C TYR A 159 -13.78 -13.86 -14.00
N HIS A 160 -13.68 -12.61 -13.53
CA HIS A 160 -13.34 -12.35 -12.13
C HIS A 160 -14.61 -12.43 -11.27
N ASN A 161 -15.08 -13.67 -11.11
CA ASN A 161 -16.30 -13.95 -10.37
C ASN A 161 -16.09 -15.10 -9.38
N ASN A 162 -17.19 -15.58 -8.80
CA ASN A 162 -17.11 -16.61 -7.78
C ASN A 162 -16.59 -17.94 -8.33
N ILE A 163 -16.73 -18.20 -9.63
CA ILE A 163 -16.20 -19.43 -10.20
C ILE A 163 -14.68 -19.38 -10.24
N HIS A 164 -14.11 -18.25 -10.67
CA HIS A 164 -12.67 -18.05 -10.58
C HIS A 164 -12.18 -18.23 -9.15
N ALA A 165 -12.91 -17.65 -8.19
CA ALA A 165 -12.51 -17.76 -6.79
C ALA A 165 -12.48 -19.21 -6.33
N ALA A 166 -13.54 -19.97 -6.65
CA ALA A 166 -13.59 -21.38 -6.25
C ALA A 166 -12.49 -22.17 -6.93
N ASP A 167 -12.21 -21.85 -8.20
CA ASP A 167 -11.15 -22.54 -8.93
C ASP A 167 -9.78 -22.31 -8.28
N VAL A 168 -9.52 -21.06 -7.87
CA VAL A 168 -8.22 -20.74 -7.28
C VAL A 168 -8.09 -21.36 -5.89
N VAL A 169 -9.18 -21.34 -5.11
CA VAL A 169 -9.21 -22.06 -3.83
C VAL A 169 -8.84 -23.51 -4.03
N GLN A 170 -9.56 -24.19 -4.94
CA GLN A 170 -9.36 -25.61 -5.14
C GLN A 170 -7.98 -25.90 -5.70
N SER A 171 -7.49 -25.06 -6.61
CA SER A 171 -6.14 -25.24 -7.13
C SER A 171 -5.10 -25.08 -6.02
N THR A 172 -5.28 -24.07 -5.16
CA THR A 172 -4.41 -23.92 -4.00
C THR A 172 -4.50 -25.14 -3.09
N HIS A 173 -5.71 -25.66 -2.88
CA HIS A 173 -5.89 -26.84 -2.04
C HIS A 173 -5.08 -28.02 -2.53
N VAL A 174 -5.08 -28.26 -3.86
CA VAL A 174 -4.29 -29.36 -4.41
C VAL A 174 -2.80 -29.06 -4.25
N LEU A 175 -2.38 -27.84 -4.60
CA LEU A 175 -0.98 -27.48 -4.48
C LEU A 175 -0.46 -27.61 -3.05
N LEU A 176 -1.32 -27.36 -2.06
CA LEU A 176 -0.91 -27.54 -0.67
C LEU A 176 -0.63 -29.01 -0.35
N SER A 177 -1.26 -29.93 -1.08
CA SER A 177 -1.14 -31.35 -0.79
C SER A 177 0.03 -32.02 -1.49
N THR A 178 0.90 -31.25 -2.15
CA THR A 178 1.95 -31.88 -2.93
C THR A 178 2.94 -32.61 -2.01
N PRO A 179 3.40 -33.80 -2.40
CA PRO A 179 4.31 -34.56 -1.53
C PRO A 179 5.49 -33.75 -0.98
N ALA A 180 6.13 -32.93 -1.82
CA ALA A 180 7.33 -32.19 -1.44
C ALA A 180 7.07 -31.14 -0.36
N LEU A 181 5.82 -30.94 0.06
CA LEU A 181 5.48 -29.97 1.09
C LEU A 181 4.81 -30.62 2.30
N GLU A 182 4.77 -31.95 2.35
CA GLU A 182 4.04 -32.64 3.40
C GLU A 182 4.64 -32.33 4.77
N ALA A 183 3.78 -31.87 5.69
CA ALA A 183 4.12 -31.45 7.04
C ALA A 183 4.94 -30.16 7.08
N VAL A 184 5.06 -29.43 5.97
CA VAL A 184 5.82 -28.19 5.98
C VAL A 184 5.03 -27.08 6.66
N PHE A 185 3.79 -26.89 6.26
CA PHE A 185 3.01 -25.74 6.70
C PHE A 185 2.10 -26.13 7.86
N THR A 186 2.00 -25.24 8.84
CA THR A 186 1.07 -25.41 9.94
C THR A 186 -0.36 -25.36 9.45
N ASP A 187 -1.29 -25.79 10.32
CA ASP A 187 -2.71 -25.65 10.02
C ASP A 187 -3.08 -24.19 9.80
N LEU A 188 -2.43 -23.26 10.52
CA LEU A 188 -2.78 -21.84 10.38
C LEU A 188 -2.33 -21.30 9.03
N GLU A 189 -1.16 -21.72 8.54
CA GLU A 189 -0.69 -21.29 7.23
C GLU A 189 -1.56 -21.87 6.12
N ILE A 190 -1.95 -23.13 6.25
CA ILE A 190 -2.90 -23.74 5.32
C ILE A 190 -4.19 -22.94 5.30
N LEU A 191 -4.72 -22.63 6.48
CA LEU A 191 -5.92 -21.81 6.59
C LEU A 191 -5.74 -20.48 5.88
N ALA A 192 -4.59 -19.83 6.09
CA ALA A 192 -4.34 -18.53 5.48
C ALA A 192 -4.35 -18.62 3.96
N ALA A 193 -3.69 -19.63 3.40
CA ALA A 193 -3.59 -19.73 1.95
C ALA A 193 -4.94 -20.02 1.31
N ILE A 194 -5.74 -20.88 1.93
CA ILE A 194 -7.05 -21.20 1.39
C ILE A 194 -7.99 -20.01 1.53
N PHE A 195 -8.00 -19.38 2.71
CA PHE A 195 -8.80 -18.18 2.91
C PHE A 195 -8.40 -17.08 1.95
N ALA A 196 -7.10 -16.84 1.81
CA ALA A 196 -6.62 -15.81 0.89
C ALA A 196 -7.07 -16.10 -0.55
N SER A 197 -6.97 -17.36 -0.98
CA SER A 197 -7.46 -17.71 -2.31
C SER A 197 -8.94 -17.40 -2.46
N ALA A 198 -9.72 -17.63 -1.41
CA ALA A 198 -11.17 -17.43 -1.48
C ALA A 198 -11.53 -15.96 -1.65
N ILE A 199 -10.80 -15.06 -1.00
CA ILE A 199 -11.15 -13.65 -1.01
C ILE A 199 -10.37 -12.85 -2.05
N HIS A 200 -9.46 -13.49 -2.78
CA HIS A 200 -8.41 -12.75 -3.46
C HIS A 200 -8.91 -11.87 -4.60
N ASP A 201 -10.14 -12.05 -5.09
CA ASP A 201 -10.69 -11.20 -6.13
C ASP A 201 -12.08 -10.65 -5.79
N VAL A 202 -12.48 -10.68 -4.51
CA VAL A 202 -13.85 -10.32 -4.19
C VAL A 202 -14.14 -8.87 -4.56
N ASP A 203 -15.35 -8.63 -5.08
CA ASP A 203 -15.80 -7.31 -5.52
C ASP A 203 -14.98 -6.79 -6.69
N HIS A 204 -14.41 -7.70 -7.48
CA HIS A 204 -13.69 -7.30 -8.69
C HIS A 204 -14.69 -6.74 -9.69
N PRO A 205 -14.49 -5.50 -10.18
CA PRO A 205 -15.47 -4.89 -11.10
C PRO A 205 -15.30 -5.29 -12.56
N GLY A 206 -14.31 -6.10 -12.90
CA GLY A 206 -14.11 -6.49 -14.28
C GLY A 206 -13.22 -5.58 -15.09
N VAL A 207 -12.46 -4.70 -14.45
CA VAL A 207 -11.52 -3.82 -15.12
C VAL A 207 -10.21 -3.83 -14.33
N SER A 208 -9.11 -3.59 -15.03
CA SER A 208 -7.77 -3.76 -14.49
C SER A 208 -7.39 -2.62 -13.55
N ASN A 209 -6.24 -2.78 -12.89
CA ASN A 209 -5.69 -1.71 -12.06
C ASN A 209 -5.39 -0.46 -12.88
N GLN A 210 -4.76 -0.64 -14.05
CA GLN A 210 -4.39 0.51 -14.86
C GLN A 210 -5.63 1.27 -15.33
N PHE A 211 -6.70 0.55 -15.65
CA PHE A 211 -7.94 1.22 -16.03
C PHE A 211 -8.50 2.06 -14.89
N LEU A 212 -8.49 1.50 -13.68
CA LEU A 212 -8.98 2.25 -12.52
C LEU A 212 -8.11 3.46 -12.23
N ILE A 213 -6.79 3.33 -12.43
CA ILE A 213 -5.89 4.47 -12.28
C ILE A 213 -6.21 5.53 -13.34
N ASN A 214 -6.28 5.11 -14.60
CA ASN A 214 -6.38 6.06 -15.71
C ASN A 214 -7.73 6.76 -15.75
N THR A 215 -8.78 6.15 -15.21
CA THR A 215 -10.10 6.75 -15.18
C THR A 215 -10.38 7.47 -13.87
N ASN A 216 -9.37 7.63 -13.02
CA ASN A 216 -9.48 8.40 -11.78
C ASN A 216 -10.61 7.87 -10.90
N SER A 217 -10.69 6.54 -10.81
CA SER A 217 -11.74 5.88 -10.06
C SER A 217 -11.62 6.18 -8.57
N GLU A 218 -12.74 5.96 -7.87
CA GLU A 218 -12.74 6.07 -6.41
C GLU A 218 -11.77 5.08 -5.79
N LEU A 219 -11.66 3.87 -6.37
CA LEU A 219 -10.77 2.85 -5.84
C LEU A 219 -9.31 3.27 -5.95
N ALA A 220 -8.90 3.74 -7.13
CA ALA A 220 -7.52 4.19 -7.31
C ALA A 220 -7.22 5.35 -6.37
N LEU A 221 -8.21 6.23 -6.16
CA LEU A 221 -8.05 7.37 -5.28
C LEU A 221 -7.92 6.94 -3.82
N MET A 222 -8.66 5.91 -3.42
CA MET A 222 -8.55 5.41 -2.05
C MET A 222 -7.19 4.79 -1.79
N TYR A 223 -6.64 4.09 -2.79
CA TYR A 223 -5.48 3.24 -2.59
C TYR A 223 -4.22 3.81 -3.24
N ASN A 224 -4.28 5.03 -3.75
CA ASN A 224 -3.09 5.76 -4.22
C ASN A 224 -2.37 4.99 -5.32
N ASP A 225 -3.14 4.41 -6.23
CA ASP A 225 -2.68 3.77 -7.45
C ASP A 225 -1.77 2.55 -7.20
N SER A 226 -1.75 2.02 -5.97
CA SER A 226 -0.87 0.92 -5.59
C SER A 226 -1.72 -0.30 -5.23
N SER A 227 -1.57 -1.37 -6.02
CA SER A 227 -2.31 -2.61 -5.80
C SER A 227 -3.78 -2.32 -5.51
N VAL A 228 -4.37 -1.50 -6.38
CA VAL A 228 -5.68 -0.90 -6.14
C VAL A 228 -6.71 -1.99 -5.84
N LEU A 229 -6.84 -2.96 -6.74
CA LEU A 229 -7.82 -4.02 -6.57
C LEU A 229 -7.46 -4.93 -5.40
N GLU A 230 -6.19 -5.34 -5.33
CA GLU A 230 -5.79 -6.33 -4.35
C GLU A 230 -5.98 -5.83 -2.93
N ASN A 231 -5.66 -4.55 -2.68
CA ASN A 231 -6.02 -3.92 -1.42
C ASN A 231 -7.52 -3.99 -1.17
N HIS A 232 -8.31 -3.72 -2.20
CA HIS A 232 -9.76 -3.74 -2.05
C HIS A 232 -10.27 -5.15 -1.76
N HIS A 233 -9.76 -6.15 -2.46
CA HIS A 233 -10.16 -7.53 -2.20
C HIS A 233 -9.91 -7.90 -0.74
N LEU A 234 -8.78 -7.47 -0.18
CA LEU A 234 -8.47 -7.75 1.21
C LEU A 234 -9.44 -7.03 2.15
N ALA A 235 -9.65 -5.73 1.90
CA ALA A 235 -10.54 -4.94 2.76
C ALA A 235 -11.93 -5.56 2.81
N VAL A 236 -12.49 -5.94 1.65
CA VAL A 236 -13.82 -6.52 1.60
C VAL A 236 -13.84 -7.88 2.29
N GLY A 237 -12.83 -8.72 2.02
CA GLY A 237 -12.82 -10.06 2.58
C GLY A 237 -12.76 -10.09 4.09
N PHE A 238 -11.90 -9.23 4.68
CA PHE A 238 -11.85 -9.13 6.13
C PHE A 238 -13.11 -8.46 6.68
N LYS A 239 -13.58 -7.40 6.01
CA LYS A 239 -14.76 -6.66 6.48
C LYS A 239 -15.97 -7.57 6.63
N LEU A 240 -16.14 -8.52 5.71
CA LEU A 240 -17.31 -9.37 5.73
C LEU A 240 -17.32 -10.32 6.92
N LEU A 241 -16.17 -10.53 7.57
CA LEU A 241 -16.13 -11.35 8.78
C LEU A 241 -16.93 -10.75 9.92
N GLN A 242 -17.15 -9.44 9.89
CA GLN A 242 -17.84 -8.74 10.97
C GLN A 242 -19.34 -8.70 10.80
N GLU A 243 -19.87 -9.23 9.69
CA GLU A 243 -21.31 -9.32 9.50
C GLU A 243 -21.89 -10.39 10.41
N GLU A 244 -23.21 -10.35 10.58
CA GLU A 244 -23.87 -11.21 11.55
C GLU A 244 -23.54 -12.67 11.30
N ASN A 245 -22.93 -13.30 12.31
CA ASN A 245 -22.61 -14.74 12.29
C ASN A 245 -21.64 -15.08 11.15
N CYS A 246 -20.69 -14.19 10.89
CA CYS A 246 -19.74 -14.39 9.81
C CYS A 246 -18.29 -14.55 10.26
N ASP A 247 -17.97 -14.35 11.53
CA ASP A 247 -16.56 -14.40 11.94
C ASP A 247 -16.15 -15.86 12.08
N ILE A 248 -15.62 -16.42 10.99
CA ILE A 248 -15.17 -17.81 11.02
C ILE A 248 -13.91 -18.00 11.85
N PHE A 249 -13.24 -16.90 12.23
CA PHE A 249 -12.02 -16.97 13.03
C PHE A 249 -12.28 -16.67 14.50
N GLN A 250 -13.54 -16.73 14.93
CA GLN A 250 -13.90 -16.25 16.26
C GLN A 250 -13.21 -17.01 17.39
N ASN A 251 -12.75 -18.24 17.15
CA ASN A 251 -12.15 -19.06 18.19
C ASN A 251 -10.65 -19.22 18.04
N LEU A 252 -10.03 -18.52 17.11
CA LEU A 252 -8.57 -18.46 17.08
C LEU A 252 -8.07 -17.63 18.24
N THR A 253 -6.88 -17.96 18.73
CA THR A 253 -6.23 -17.09 19.69
C THR A 253 -5.96 -15.73 19.04
N LYS A 254 -5.63 -14.74 19.88
CA LYS A 254 -5.28 -13.43 19.36
C LYS A 254 -4.04 -13.51 18.48
N LYS A 255 -3.01 -14.20 18.97
CA LYS A 255 -1.80 -14.39 18.17
C LYS A 255 -2.11 -15.08 16.85
N GLN A 256 -3.03 -16.06 16.87
CA GLN A 256 -3.40 -16.76 15.66
C GLN A 256 -4.04 -15.82 14.65
N ARG A 257 -5.00 -15.01 15.10
CA ARG A 257 -5.67 -14.08 14.20
C ARG A 257 -4.71 -13.06 13.62
N GLN A 258 -3.83 -12.53 14.47
CA GLN A 258 -2.84 -11.55 14.02
C GLN A 258 -1.92 -12.15 12.96
N SER A 259 -1.40 -13.35 13.22
CA SER A 259 -0.53 -14.03 12.27
C SER A 259 -1.29 -14.39 11.00
N LEU A 260 -2.51 -14.92 11.13
CA LEU A 260 -3.32 -15.24 9.96
C LEU A 260 -3.58 -14.00 9.12
N ARG A 261 -3.92 -12.88 9.77
CA ARG A 261 -4.21 -11.66 9.05
C ARG A 261 -3.01 -11.21 8.22
N LYS A 262 -1.82 -11.15 8.85
CA LYS A 262 -0.63 -10.72 8.11
C LYS A 262 -0.35 -11.64 6.93
N MET A 263 -0.47 -12.96 7.12
CA MET A 263 -0.20 -13.89 6.04
C MET A 263 -1.18 -13.69 4.88
N VAL A 264 -2.47 -13.52 5.20
CA VAL A 264 -3.47 -13.32 4.15
C VAL A 264 -3.16 -12.05 3.35
N ILE A 265 -2.78 -10.98 4.03
CA ILE A 265 -2.44 -9.73 3.33
C ILE A 265 -1.22 -9.95 2.45
N ASP A 266 -0.17 -10.56 3.00
CA ASP A 266 1.02 -10.84 2.22
C ASP A 266 0.69 -11.66 0.98
N ILE A 267 -0.22 -12.63 1.11
CA ILE A 267 -0.51 -13.52 0.00
C ILE A 267 -1.32 -12.79 -1.07
N VAL A 268 -2.38 -12.09 -0.68
CA VAL A 268 -3.24 -11.45 -1.68
C VAL A 268 -2.51 -10.32 -2.39
N LEU A 269 -1.68 -9.55 -1.66
CA LEU A 269 -0.93 -8.48 -2.32
C LEU A 269 0.03 -9.05 -3.35
N ALA A 270 0.46 -10.31 -3.18
CA ALA A 270 1.32 -10.98 -4.14
C ALA A 270 0.61 -11.39 -5.43
N THR A 271 -0.72 -11.31 -5.47
CA THR A 271 -1.45 -11.60 -6.70
C THR A 271 -1.50 -10.41 -7.65
N ASP A 272 -0.98 -9.26 -7.23
CA ASP A 272 -0.86 -8.11 -8.13
C ASP A 272 0.20 -8.41 -9.18
N MET A 273 -0.19 -8.43 -10.46
CA MET A 273 0.74 -8.83 -11.50
C MET A 273 1.93 -7.88 -11.63
N SER A 274 1.82 -6.65 -11.12
CA SER A 274 3.01 -5.79 -11.12
C SER A 274 4.11 -6.32 -10.22
N LYS A 275 3.81 -7.29 -9.35
CA LYS A 275 4.78 -7.95 -8.49
C LYS A 275 5.34 -9.24 -9.08
N HIS A 276 4.81 -9.68 -10.23
CA HIS A 276 5.06 -11.04 -10.71
C HIS A 276 6.54 -11.28 -11.00
N MET A 277 7.20 -10.33 -11.66
CA MET A 277 8.60 -10.54 -12.04
C MET A 277 9.49 -10.70 -10.82
N ASN A 278 9.34 -9.81 -9.83
CA ASN A 278 10.18 -9.90 -8.64
C ASN A 278 9.85 -11.15 -7.84
N LEU A 279 8.58 -11.51 -7.75
CA LEU A 279 8.19 -12.75 -7.08
C LEU A 279 8.76 -13.97 -7.80
N LEU A 280 8.73 -13.95 -9.13
CA LEU A 280 9.31 -15.06 -9.89
C LEU A 280 10.82 -15.12 -9.71
N ALA A 281 11.48 -13.96 -9.74
CA ALA A 281 12.92 -13.92 -9.53
C ALA A 281 13.29 -14.48 -8.16
N ASP A 282 12.49 -14.19 -7.14
CA ASP A 282 12.74 -14.75 -5.81
C ASP A 282 12.56 -16.25 -5.80
N LEU A 283 11.51 -16.75 -6.47
CA LEU A 283 11.27 -18.19 -6.51
C LEU A 283 12.41 -18.92 -7.22
N LYS A 284 12.91 -18.33 -8.30
CA LYS A 284 14.09 -18.87 -8.98
C LYS A 284 15.25 -19.04 -8.00
N THR A 285 15.64 -17.94 -7.36
CA THR A 285 16.71 -17.97 -6.37
C THR A 285 16.47 -19.08 -5.34
N MET A 286 15.25 -19.17 -4.81
CA MET A 286 14.95 -20.20 -3.83
C MET A 286 15.16 -21.59 -4.41
N VAL A 287 14.76 -21.80 -5.67
CA VAL A 287 14.97 -23.10 -6.31
C VAL A 287 16.46 -23.38 -6.47
N GLU A 288 17.22 -22.37 -6.90
CA GLU A 288 18.65 -22.54 -7.11
C GLU A 288 19.38 -22.87 -5.82
N THR A 289 18.91 -22.33 -4.69
CA THR A 289 19.51 -22.53 -3.38
C THR A 289 18.67 -23.44 -2.49
N LYS A 290 17.86 -24.30 -3.11
CA LYS A 290 16.83 -25.06 -2.40
C LYS A 290 17.44 -26.00 -1.38
N LYS A 291 16.81 -26.10 -0.22
CA LYS A 291 17.19 -27.09 0.77
C LYS A 291 16.00 -27.95 1.17
N VAL A 292 16.35 -29.17 1.58
CA VAL A 292 15.42 -30.28 1.74
C VAL A 292 15.76 -30.97 3.05
N THR A 293 14.74 -31.50 3.71
CA THR A 293 14.98 -32.26 4.93
C THR A 293 15.44 -33.68 4.59
N SER A 294 15.89 -34.41 5.62
CA SER A 294 16.19 -35.82 5.45
C SER A 294 15.01 -36.59 4.86
N SER A 295 13.80 -36.04 5.00
CA SER A 295 12.58 -36.65 4.52
C SER A 295 12.29 -36.38 3.04
N GLY A 296 13.12 -35.58 2.37
CA GLY A 296 12.84 -35.20 1.00
C GLY A 296 11.88 -34.04 0.87
N VAL A 297 11.37 -33.53 1.95
CA VAL A 297 10.40 -32.46 1.96
C VAL A 297 11.13 -31.12 2.03
N LEU A 298 10.54 -30.09 1.41
CA LEU A 298 11.16 -28.77 1.35
C LEU A 298 11.38 -28.19 2.75
N LEU A 299 12.54 -27.58 2.94
CA LEU A 299 12.95 -27.05 4.25
C LEU A 299 12.80 -25.53 4.26
N LEU A 300 11.93 -25.01 5.13
CA LEU A 300 11.58 -23.59 5.16
C LEU A 300 11.79 -23.04 6.58
N ASP A 301 12.88 -22.28 6.77
CA ASP A 301 13.42 -21.91 8.08
C ASP A 301 12.71 -20.75 8.75
N ASN A 302 12.05 -19.91 7.98
CA ASN A 302 11.79 -18.55 8.42
C ASN A 302 10.55 -18.06 7.70
N TYR A 303 9.92 -17.04 8.28
CA TYR A 303 8.70 -16.52 7.70
C TYR A 303 8.90 -16.13 6.24
N SER A 304 10.02 -15.46 5.94
CA SER A 304 10.23 -14.91 4.60
C SER A 304 10.17 -15.99 3.53
N ASP A 305 10.84 -17.13 3.77
CA ASP A 305 10.75 -18.23 2.81
C ASP A 305 9.37 -18.87 2.82
N ARG A 306 8.79 -19.03 4.01
CA ARG A 306 7.49 -19.68 4.11
C ARG A 306 6.41 -18.88 3.39
N ILE A 307 6.35 -17.57 3.64
CA ILE A 307 5.31 -16.76 3.02
C ILE A 307 5.56 -16.62 1.53
N GLN A 308 6.82 -16.64 1.10
CA GLN A 308 7.14 -16.51 -0.32
C GLN A 308 6.64 -17.72 -1.10
N VAL A 309 6.78 -18.91 -0.53
CA VAL A 309 6.24 -20.12 -1.16
C VAL A 309 4.72 -20.04 -1.23
N LEU A 310 4.08 -19.68 -0.13
CA LEU A 310 2.62 -19.53 -0.13
C LEU A 310 2.18 -18.43 -1.09
N GLN A 311 2.94 -17.34 -1.17
CA GLN A 311 2.64 -16.29 -2.13
C GLN A 311 2.66 -16.81 -3.55
N ASN A 312 3.75 -17.48 -3.94
CA ASN A 312 3.87 -18.02 -5.29
C ASN A 312 2.87 -19.15 -5.53
N MET A 313 2.52 -19.90 -4.48
CA MET A 313 1.54 -20.97 -4.64
C MET A 313 0.19 -20.42 -5.08
N VAL A 314 -0.32 -19.41 -4.37
CA VAL A 314 -1.60 -18.82 -4.73
C VAL A 314 -1.50 -18.10 -6.07
N HIS A 315 -0.33 -17.51 -6.35
CA HIS A 315 -0.11 -16.85 -7.64
C HIS A 315 -0.10 -17.86 -8.78
N CYS A 316 0.49 -19.04 -8.56
CA CYS A 316 0.41 -20.13 -9.54
C CYS A 316 -1.04 -20.57 -9.75
N ALA A 317 -1.78 -20.73 -8.66
CA ALA A 317 -3.18 -21.12 -8.76
C ALA A 317 -3.98 -20.05 -9.51
N ASP A 318 -3.67 -18.78 -9.24
CA ASP A 318 -4.32 -17.67 -9.94
C ASP A 318 -4.04 -17.76 -11.44
N LEU A 319 -2.84 -18.18 -11.82
CA LEU A 319 -2.44 -18.28 -13.22
C LEU A 319 -2.45 -19.72 -13.73
N SER A 320 -3.36 -20.55 -13.21
CA SER A 320 -3.33 -21.98 -13.49
C SER A 320 -4.27 -22.41 -14.61
N ASN A 321 -5.13 -21.53 -15.12
CA ASN A 321 -6.04 -21.92 -16.21
C ASN A 321 -5.35 -22.63 -17.36
N PRO A 322 -4.20 -22.17 -17.87
CA PRO A 322 -3.58 -22.90 -18.99
C PRO A 322 -2.99 -24.26 -18.61
N THR A 323 -2.90 -24.59 -17.33
CA THR A 323 -2.43 -25.91 -16.92
C THR A 323 -3.55 -26.92 -16.78
N LYS A 324 -4.80 -26.51 -16.96
CA LYS A 324 -5.95 -27.37 -16.76
C LYS A 324 -6.31 -28.09 -18.06
N PRO A 325 -7.03 -29.22 -17.96
CA PRO A 325 -7.57 -29.88 -19.17
C PRO A 325 -8.21 -28.90 -20.14
N LEU A 326 -8.03 -29.13 -21.43
CA LEU A 326 -8.29 -28.10 -22.43
C LEU A 326 -9.74 -27.62 -22.42
N GLN A 327 -10.69 -28.49 -22.09
CA GLN A 327 -12.08 -28.05 -22.06
C GLN A 327 -12.32 -27.04 -20.95
N LEU A 328 -11.56 -27.14 -19.85
CA LEU A 328 -11.61 -26.12 -18.81
C LEU A 328 -10.89 -24.86 -19.25
N TYR A 329 -9.64 -25.00 -19.72
CA TYR A 329 -8.83 -23.87 -20.15
C TYR A 329 -9.57 -22.99 -21.15
N ARG A 330 -10.19 -23.63 -22.15
CA ARG A 330 -10.85 -22.87 -23.21
C ARG A 330 -12.01 -22.04 -22.68
N GLN A 331 -12.74 -22.55 -21.71
CA GLN A 331 -13.83 -21.74 -21.17
C GLN A 331 -13.28 -20.56 -20.37
N TRP A 332 -12.15 -20.74 -19.67
CA TRP A 332 -11.49 -19.61 -19.03
C TRP A 332 -11.05 -18.58 -20.06
N THR A 333 -10.52 -19.04 -21.19
CA THR A 333 -10.11 -18.10 -22.24
C THR A 333 -11.29 -17.31 -22.77
N ASP A 334 -12.42 -17.99 -23.02
CA ASP A 334 -13.63 -17.28 -23.42
C ASP A 334 -14.02 -16.21 -22.41
N ARG A 335 -13.86 -16.50 -21.13
CA ARG A 335 -14.34 -15.60 -20.08
C ARG A 335 -13.40 -14.41 -19.88
N ILE A 336 -12.09 -14.64 -19.84
CA ILE A 336 -11.17 -13.52 -19.71
C ILE A 336 -11.22 -12.63 -20.94
N MET A 337 -11.43 -13.21 -22.13
CA MET A 337 -11.43 -12.39 -23.34
C MET A 337 -12.71 -11.56 -23.43
N GLU A 338 -13.83 -12.13 -23.00
CA GLU A 338 -15.06 -11.36 -22.94
C GLU A 338 -14.92 -10.18 -21.97
N GLU A 339 -14.38 -10.45 -20.78
CA GLU A 339 -14.21 -9.40 -19.79
C GLU A 339 -13.21 -8.34 -20.27
N PHE A 340 -12.12 -8.77 -20.89
CA PHE A 340 -11.15 -7.83 -21.45
C PHE A 340 -11.76 -6.97 -22.54
N PHE A 341 -12.54 -7.58 -23.45
CA PHE A 341 -13.11 -6.85 -24.57
C PHE A 341 -14.03 -5.74 -24.09
N ARG A 342 -14.77 -5.99 -23.02
CA ARG A 342 -15.73 -5.02 -22.51
C ARG A 342 -15.02 -3.83 -21.88
N GLN A 343 -13.94 -4.09 -21.15
CA GLN A 343 -13.08 -2.99 -20.71
C GLN A 343 -12.56 -2.21 -21.90
N GLY A 344 -12.15 -2.92 -22.96
CA GLY A 344 -11.67 -2.23 -24.15
C GLY A 344 -12.72 -1.38 -24.82
N ASP A 345 -13.97 -1.84 -24.80
CA ASP A 345 -15.06 -1.01 -25.32
C ASP A 345 -15.20 0.28 -24.50
N ARG A 346 -15.25 0.14 -23.17
CA ARG A 346 -15.24 1.31 -22.30
C ARG A 346 -14.06 2.23 -22.62
N GLU A 347 -12.89 1.64 -22.91
CA GLU A 347 -11.72 2.45 -23.23
C GLU A 347 -11.89 3.18 -24.56
N ARG A 348 -12.32 2.47 -25.59
CA ARG A 348 -12.49 3.09 -26.90
C ARG A 348 -13.57 4.16 -26.86
N GLU A 349 -14.65 3.91 -26.11
CA GLU A 349 -15.65 4.93 -25.85
C GLU A 349 -15.01 6.21 -25.32
N ARG A 350 -14.16 6.08 -24.30
CA ARG A 350 -13.63 7.24 -23.60
C ARG A 350 -12.50 7.93 -24.35
N GLY A 351 -12.17 7.46 -25.56
CA GLY A 351 -11.02 8.01 -26.24
C GLY A 351 -9.70 7.63 -25.62
N MET A 352 -9.68 6.59 -24.79
CA MET A 352 -8.44 6.09 -24.24
C MET A 352 -7.78 5.13 -25.20
N GLU A 353 -6.47 4.99 -25.07
CA GLU A 353 -5.76 3.87 -25.68
C GLU A 353 -6.35 2.58 -25.15
N ILE A 354 -6.55 1.61 -26.05
CA ILE A 354 -7.09 0.32 -25.63
C ILE A 354 -5.95 -0.54 -25.10
N SER A 355 -6.18 -1.17 -23.95
CA SER A 355 -5.17 -2.00 -23.33
C SER A 355 -4.84 -3.19 -24.23
N PRO A 356 -3.65 -3.76 -24.08
CA PRO A 356 -3.33 -4.98 -24.83
C PRO A 356 -4.40 -6.04 -24.61
N MET A 357 -4.78 -6.72 -25.70
CA MET A 357 -5.72 -7.83 -25.73
C MET A 357 -7.16 -7.41 -25.50
N CYS A 358 -7.46 -6.13 -25.33
CA CYS A 358 -8.82 -5.68 -25.03
C CYS A 358 -9.56 -5.15 -26.26
N ASP A 359 -8.93 -5.13 -27.44
CA ASP A 359 -9.55 -4.57 -28.63
C ASP A 359 -10.15 -5.70 -29.46
N LYS A 360 -11.49 -5.80 -29.44
CA LYS A 360 -12.20 -6.88 -30.08
C LYS A 360 -12.19 -6.80 -31.60
N HIS A 361 -11.83 -5.65 -32.17
CA HIS A 361 -11.66 -5.56 -33.61
C HIS A 361 -10.27 -5.98 -34.06
N ASN A 362 -9.31 -6.09 -33.14
CA ASN A 362 -7.93 -6.35 -33.50
C ASN A 362 -7.24 -7.36 -32.58
N ALA A 363 -7.96 -8.03 -31.70
CA ALA A 363 -7.30 -9.00 -30.83
C ALA A 363 -7.12 -10.32 -31.54
N SER A 364 -6.05 -11.01 -31.16
CA SER A 364 -5.84 -12.40 -31.53
C SER A 364 -5.94 -13.22 -30.25
N VAL A 365 -7.07 -13.91 -30.08
CA VAL A 365 -7.27 -14.71 -28.88
C VAL A 365 -6.18 -15.76 -28.75
N GLU A 366 -5.85 -16.44 -29.85
CA GLU A 366 -4.90 -17.54 -29.80
C GLU A 366 -3.48 -17.03 -29.51
N LYS A 367 -3.04 -15.97 -30.21
CA LYS A 367 -1.69 -15.47 -29.98
C LYS A 367 -1.53 -14.94 -28.56
N SER A 368 -2.58 -14.33 -28.01
CA SER A 368 -2.50 -13.81 -26.65
C SER A 368 -2.36 -14.94 -25.64
N GLN A 369 -3.00 -16.09 -25.89
CA GLN A 369 -2.83 -17.23 -24.99
C GLN A 369 -1.42 -17.80 -25.11
N VAL A 370 -0.87 -17.89 -26.32
CA VAL A 370 0.51 -18.36 -26.48
C VAL A 370 1.48 -17.38 -25.82
N GLY A 371 1.28 -16.08 -26.02
CA GLY A 371 2.14 -15.11 -25.36
C GLY A 371 1.98 -15.13 -23.86
N PHE A 372 0.76 -15.34 -23.38
CA PHE A 372 0.50 -15.46 -21.95
C PHE A 372 1.25 -16.65 -21.35
N ILE A 373 1.19 -17.81 -22.02
CA ILE A 373 1.91 -18.98 -21.55
C ILE A 373 3.41 -18.75 -21.62
N ASP A 374 3.90 -18.30 -22.78
CA ASP A 374 5.35 -18.22 -23.02
C ASP A 374 6.03 -17.26 -22.05
N TYR A 375 5.42 -16.10 -21.80
CA TYR A 375 6.07 -15.03 -21.06
C TYR A 375 5.66 -14.96 -19.59
N ILE A 376 4.58 -15.62 -19.20
CA ILE A 376 4.08 -15.50 -17.83
C ILE A 376 3.92 -16.87 -17.19
N VAL A 377 3.05 -17.70 -17.76
CA VAL A 377 2.57 -18.90 -17.06
C VAL A 377 3.61 -20.00 -17.06
N HIS A 378 4.23 -20.27 -18.22
CA HIS A 378 5.27 -21.31 -18.23
C HIS A 378 6.47 -20.92 -17.43
N PRO A 379 7.06 -19.72 -17.54
CA PRO A 379 8.19 -19.36 -16.67
C PRO A 379 7.88 -19.54 -15.19
N LEU A 380 6.64 -19.23 -14.78
CA LEU A 380 6.25 -19.43 -13.39
C LEU A 380 6.11 -20.91 -13.07
N TRP A 381 5.28 -21.63 -13.84
CA TRP A 381 4.98 -23.02 -13.51
C TRP A 381 6.17 -23.94 -13.70
N GLU A 382 7.08 -23.56 -14.59
CA GLU A 382 8.34 -24.30 -14.72
C GLU A 382 9.19 -24.15 -13.47
N THR A 383 9.23 -22.95 -12.90
CA THR A 383 9.98 -22.73 -11.67
C THR A 383 9.33 -23.44 -10.49
N TRP A 384 8.00 -23.34 -10.39
CA TRP A 384 7.30 -24.06 -9.33
C TRP A 384 7.50 -25.56 -9.44
N ALA A 385 7.44 -26.10 -10.66
CA ALA A 385 7.67 -27.53 -10.85
C ALA A 385 9.06 -27.93 -10.37
N ASP A 386 10.06 -27.10 -10.66
CA ASP A 386 11.41 -27.33 -10.15
C ASP A 386 11.44 -27.35 -8.64
N LEU A 387 10.71 -26.42 -8.00
CA LEU A 387 10.69 -26.36 -6.54
C LEU A 387 10.17 -27.66 -5.94
N VAL A 388 9.16 -28.26 -6.56
CA VAL A 388 8.48 -29.42 -6.02
C VAL A 388 8.76 -30.67 -6.87
N HIS A 389 9.84 -30.66 -7.66
CA HIS A 389 10.13 -31.76 -8.57
C HIS A 389 10.18 -33.09 -7.84
N PRO A 390 9.51 -34.12 -8.38
CA PRO A 390 8.81 -34.15 -9.68
C PRO A 390 7.30 -33.91 -9.60
N ASP A 391 6.79 -33.61 -8.40
CA ASP A 391 5.36 -33.59 -8.11
C ASP A 391 4.47 -32.99 -9.19
N ALA A 392 4.95 -31.95 -9.89
CA ALA A 392 4.12 -31.18 -10.78
C ALA A 392 4.39 -31.48 -12.27
N GLN A 393 5.03 -32.61 -12.57
CA GLN A 393 5.38 -32.90 -13.96
C GLN A 393 4.14 -32.99 -14.85
N ASP A 394 3.11 -33.69 -14.38
CA ASP A 394 1.88 -33.86 -15.17
C ASP A 394 1.22 -32.51 -15.45
N ILE A 395 1.24 -31.61 -14.47
CA ILE A 395 0.64 -30.29 -14.66
C ILE A 395 1.44 -29.49 -15.69
N LEU A 396 2.78 -29.59 -15.64
CA LEU A 396 3.60 -28.88 -16.60
C LEU A 396 3.47 -29.47 -18.00
N ASP A 397 3.38 -30.81 -18.09
CA ASP A 397 3.11 -31.46 -19.37
C ASP A 397 1.83 -30.92 -19.99
N THR A 398 0.76 -30.82 -19.18
CA THR A 398 -0.51 -30.33 -19.68
C THR A 398 -0.38 -28.91 -20.22
N LEU A 399 0.26 -28.05 -19.45
CA LEU A 399 0.52 -26.69 -19.91
C LEU A 399 1.24 -26.67 -21.25
N GLU A 400 2.22 -27.56 -21.43
CA GLU A 400 2.98 -27.56 -22.67
C GLU A 400 2.16 -28.12 -23.82
N ASP A 401 1.30 -29.11 -23.56
CA ASP A 401 0.38 -29.58 -24.59
C ASP A 401 -0.61 -28.48 -24.99
N ASN A 402 -1.21 -27.81 -23.99
CA ASN A 402 -2.16 -26.75 -24.30
C ASN A 402 -1.50 -25.60 -25.04
N ARG A 403 -0.26 -25.28 -24.67
CA ARG A 403 0.49 -24.27 -25.41
C ARG A 403 0.65 -24.69 -26.87
N GLU A 404 1.05 -25.94 -27.09
CA GLU A 404 1.18 -26.44 -28.45
C GLU A 404 -0.15 -26.39 -29.19
N TRP A 405 -1.24 -26.74 -28.50
CA TRP A 405 -2.55 -26.75 -29.15
C TRP A 405 -2.94 -25.34 -29.60
N TYR A 406 -2.87 -24.36 -28.69
CA TYR A 406 -3.18 -22.99 -29.08
C TYR A 406 -2.25 -22.51 -30.18
N GLN A 407 -0.96 -22.86 -30.09
CA GLN A 407 -0.01 -22.51 -31.15
C GLN A 407 -0.47 -23.10 -32.49
N SER A 408 -0.92 -24.35 -32.48
CA SER A 408 -1.31 -25.03 -33.71
C SER A 408 -2.48 -24.35 -34.43
N THR A 409 -3.24 -23.52 -33.71
CA THR A 409 -4.42 -22.88 -34.29
C THR A 409 -4.09 -21.53 -34.92
N ILE A 410 -2.83 -21.26 -35.22
CA ILE A 410 -2.44 -19.98 -35.79
C ILE A 410 -2.01 -20.18 -37.23
N GLN B 88 -2.95 46.75 10.45
CA GLN B 88 -4.00 45.96 11.08
C GLN B 88 -3.70 44.46 10.92
N GLU B 89 -3.48 44.06 9.67
CA GLU B 89 -2.96 42.76 9.29
C GLU B 89 -1.45 42.80 9.18
N ASP B 90 -0.89 44.02 9.03
CA ASP B 90 0.55 44.19 8.90
C ASP B 90 1.32 43.42 9.96
N VAL B 91 0.69 43.14 11.10
CA VAL B 91 1.24 42.19 12.05
C VAL B 91 1.49 40.87 11.31
N LEU B 92 0.42 40.23 10.84
CA LEU B 92 0.56 38.96 10.15
C LEU B 92 1.43 39.10 8.91
N ALA B 93 1.20 40.15 8.10
CA ALA B 93 1.99 40.33 6.89
C ALA B 93 3.48 40.51 7.21
N LYS B 94 3.82 41.12 8.34
CA LYS B 94 5.22 41.34 8.67
C LYS B 94 5.89 40.08 9.24
N GLU B 95 5.14 39.26 9.96
CA GLU B 95 5.67 37.93 10.32
C GLU B 95 5.91 37.10 9.08
N LEU B 96 4.91 37.04 8.19
CA LEU B 96 5.04 36.31 6.94
C LEU B 96 6.27 36.72 6.15
N GLU B 97 6.78 37.93 6.37
CA GLU B 97 8.02 38.39 5.77
C GLU B 97 9.18 37.43 5.98
N ASP B 98 9.10 36.57 6.98
CA ASP B 98 10.17 35.63 7.31
C ASP B 98 9.99 34.27 6.62
N VAL B 99 9.10 34.18 5.62
CA VAL B 99 8.69 32.90 5.06
C VAL B 99 9.87 32.05 4.60
N ASN B 100 10.98 32.67 4.24
CA ASN B 100 12.11 31.88 3.78
C ASN B 100 13.11 31.56 4.88
N LYS B 101 12.86 31.98 6.11
CA LYS B 101 13.82 31.76 7.18
C LYS B 101 13.39 30.62 8.09
N TRP B 102 14.35 29.75 8.39
CA TRP B 102 14.20 28.70 9.39
C TRP B 102 13.91 29.30 10.75
N GLY B 103 12.84 28.82 11.39
CA GLY B 103 12.41 29.41 12.63
C GLY B 103 11.37 30.49 12.47
N LEU B 104 10.60 30.44 11.38
CA LEU B 104 9.48 31.34 11.21
C LEU B 104 8.54 31.24 12.40
N HIS B 105 7.85 32.35 12.70
CA HIS B 105 7.02 32.45 13.90
C HIS B 105 5.64 31.84 13.64
N VAL B 106 5.63 30.50 13.52
CA VAL B 106 4.44 29.82 13.02
C VAL B 106 3.29 29.85 14.01
N PHE B 107 3.57 29.87 15.31
CA PHE B 107 2.48 29.93 16.27
C PHE B 107 1.83 31.30 16.30
N ARG B 108 2.62 32.35 16.13
CA ARG B 108 2.04 33.67 15.99
C ARG B 108 1.22 33.77 14.70
N ILE B 109 1.77 33.28 13.60
CA ILE B 109 1.07 33.36 12.33
C ILE B 109 -0.26 32.62 12.42
N ALA B 110 -0.28 31.47 13.09
CA ALA B 110 -1.54 30.81 13.37
C ALA B 110 -2.48 31.73 14.15
N GLU B 111 -2.00 32.29 15.25
CA GLU B 111 -2.91 33.17 16.00
C GLU B 111 -3.32 34.34 15.15
N LEU B 112 -2.38 35.05 14.49
CA LEU B 112 -2.74 36.25 13.76
C LEU B 112 -3.62 35.97 12.54
N SER B 113 -3.47 34.81 11.90
CA SER B 113 -4.21 34.51 10.67
C SER B 113 -5.63 34.05 10.91
N GLY B 114 -6.08 33.98 12.17
CA GLY B 114 -7.39 33.41 12.45
C GLY B 114 -7.40 31.90 12.43
N ASN B 115 -6.38 31.28 13.00
CA ASN B 115 -6.13 29.84 12.89
C ASN B 115 -6.19 29.38 11.42
N ARG B 116 -5.47 30.12 10.57
CA ARG B 116 -5.30 29.72 9.18
C ARG B 116 -3.83 29.71 8.76
N PRO B 117 -2.91 29.15 9.57
CA PRO B 117 -1.49 29.19 9.16
C PRO B 117 -1.21 28.41 7.89
N LEU B 118 -1.85 27.26 7.70
CA LEU B 118 -1.60 26.49 6.48
C LEU B 118 -2.04 27.27 5.25
N THR B 119 -3.22 27.88 5.30
CA THR B 119 -3.71 28.63 4.15
C THR B 119 -2.82 29.82 3.83
N VAL B 120 -2.49 30.65 4.84
CA VAL B 120 -1.74 31.86 4.55
C VAL B 120 -0.30 31.53 4.16
N ILE B 121 0.30 30.51 4.79
CA ILE B 121 1.70 30.21 4.49
C ILE B 121 1.82 29.58 3.10
N MET B 122 0.88 28.71 2.73
CA MET B 122 0.89 28.14 1.38
C MET B 122 0.66 29.22 0.33
N HIS B 123 -0.37 30.05 0.53
CA HIS B 123 -0.62 31.18 -0.36
C HIS B 123 0.65 31.99 -0.56
N THR B 124 1.28 32.39 0.54
CA THR B 124 2.54 33.13 0.49
C THR B 124 3.61 32.39 -0.31
N ILE B 125 3.83 31.11 0.01
CA ILE B 125 4.93 30.36 -0.60
C ILE B 125 4.71 30.20 -2.10
N PHE B 126 3.44 30.11 -2.53
CA PHE B 126 3.17 29.98 -3.96
C PHE B 126 3.52 31.28 -4.69
N GLN B 127 3.09 32.42 -4.17
CA GLN B 127 3.52 33.71 -4.69
C GLN B 127 5.05 33.79 -4.73
N GLU B 128 5.68 33.56 -3.57
CA GLU B 128 7.13 33.70 -3.45
C GLU B 128 7.89 32.95 -4.54
N ARG B 129 7.35 31.82 -5.02
CA ARG B 129 7.97 31.07 -6.11
C ARG B 129 7.14 31.15 -7.37
N ASP B 130 6.06 31.94 -7.31
CA ASP B 130 5.30 32.39 -8.46
C ASP B 130 4.51 31.23 -9.12
N LEU B 131 4.26 30.19 -8.33
CA LEU B 131 3.59 28.98 -8.80
C LEU B 131 2.17 29.25 -9.28
N LEU B 132 1.57 30.39 -8.92
CA LEU B 132 0.22 30.69 -9.37
C LEU B 132 0.16 30.93 -10.87
N LYS B 133 1.17 31.62 -11.40
CA LYS B 133 1.23 31.95 -12.82
C LYS B 133 2.00 30.91 -13.62
N THR B 134 2.91 30.18 -12.98
CA THR B 134 3.65 29.12 -13.67
C THR B 134 2.74 27.94 -13.99
N PHE B 135 1.69 27.75 -13.19
CA PHE B 135 0.78 26.63 -13.38
C PHE B 135 -0.66 27.09 -13.53
N LYS B 136 -0.90 28.37 -13.76
CA LYS B 136 -2.23 28.93 -14.05
C LYS B 136 -3.26 28.48 -13.01
N ILE B 137 -3.00 28.83 -11.76
CA ILE B 137 -3.88 28.50 -10.64
C ILE B 137 -4.73 29.71 -10.34
N PRO B 138 -6.04 29.69 -10.59
CA PRO B 138 -6.92 30.75 -10.10
C PRO B 138 -6.75 30.91 -8.60
N VAL B 139 -6.57 32.16 -8.17
CA VAL B 139 -6.24 32.40 -6.77
C VAL B 139 -7.42 32.03 -5.86
N ASP B 140 -8.64 32.28 -6.33
CA ASP B 140 -9.82 31.83 -5.59
C ASP B 140 -9.83 30.32 -5.44
N THR B 141 -9.32 29.60 -6.45
CA THR B 141 -9.29 28.14 -6.39
C THR B 141 -8.24 27.66 -5.41
N LEU B 142 -7.07 28.30 -5.39
CA LEU B 142 -6.05 27.99 -4.38
C LEU B 142 -6.61 28.19 -2.98
N ILE B 143 -7.17 29.37 -2.70
CA ILE B 143 -7.66 29.67 -1.35
C ILE B 143 -8.77 28.72 -0.96
N THR B 144 -9.68 28.45 -1.90
CA THR B 144 -10.76 27.49 -1.63
C THR B 144 -10.20 26.14 -1.23
N TYR B 145 -9.26 25.61 -2.03
CA TYR B 145 -8.66 24.33 -1.70
C TYR B 145 -7.95 24.39 -0.36
N LEU B 146 -7.07 25.38 -0.18
CA LEU B 146 -6.27 25.47 1.03
C LEU B 146 -7.14 25.52 2.28
N MET B 147 -8.20 26.33 2.25
CA MET B 147 -9.08 26.41 3.40
C MET B 147 -9.85 25.11 3.61
N THR B 148 -10.29 24.48 2.52
CA THR B 148 -10.93 23.17 2.64
C THR B 148 -9.95 22.14 3.20
N LEU B 149 -8.72 22.13 2.68
CA LEU B 149 -7.68 21.25 3.21
C LEU B 149 -7.46 21.51 4.70
N GLU B 150 -7.16 22.75 5.06
CA GLU B 150 -6.91 23.12 6.45
C GLU B 150 -8.05 22.70 7.37
N ASP B 151 -9.30 22.79 6.88
CA ASP B 151 -10.45 22.38 7.66
C ASP B 151 -10.44 20.89 7.98
N HIS B 152 -9.76 20.08 7.18
CA HIS B 152 -9.74 18.64 7.46
C HIS B 152 -8.60 18.24 8.38
N TYR B 153 -7.77 19.20 8.81
CA TYR B 153 -6.90 18.99 9.96
C TYR B 153 -7.70 19.23 11.24
N HIS B 154 -7.50 18.37 12.23
CA HIS B 154 -8.33 18.35 13.43
C HIS B 154 -7.84 19.40 14.44
N ALA B 155 -8.71 20.35 14.77
CA ALA B 155 -8.36 21.41 15.71
C ALA B 155 -8.16 20.89 17.14
N ASP B 156 -8.75 19.75 17.50
CA ASP B 156 -8.61 19.21 18.85
C ASP B 156 -7.52 18.16 18.96
N VAL B 157 -6.61 18.10 17.97
CA VAL B 157 -5.43 17.25 18.01
C VAL B 157 -4.23 18.15 18.22
N ALA B 158 -3.46 17.90 19.28
CA ALA B 158 -2.52 18.90 19.78
C ALA B 158 -1.31 19.06 18.87
N TYR B 159 -0.82 17.97 18.27
CA TYR B 159 0.35 18.05 17.39
C TYR B 159 -0.02 17.95 15.92
N HIS B 160 -0.66 16.86 15.51
CA HIS B 160 -0.93 16.61 14.10
C HIS B 160 -2.15 17.42 13.65
N ASN B 161 -1.95 18.73 13.60
CA ASN B 161 -2.99 19.65 13.18
C ASN B 161 -2.49 20.56 12.06
N ASN B 162 -3.23 21.63 11.78
CA ASN B 162 -2.88 22.51 10.67
C ASN B 162 -1.61 23.31 10.93
N ILE B 163 -1.20 23.50 12.18
CA ILE B 163 0.03 24.22 12.45
C ILE B 163 1.23 23.38 12.03
N HIS B 164 1.23 22.10 12.41
CA HIS B 164 2.30 21.20 11.99
C HIS B 164 2.40 21.11 10.48
N ALA B 165 1.25 21.03 9.79
CA ALA B 165 1.25 21.05 8.34
C ALA B 165 1.88 22.33 7.82
N ALA B 166 1.47 23.48 8.36
CA ALA B 166 2.05 24.76 7.95
C ALA B 166 3.55 24.78 8.19
N ASP B 167 4.00 24.22 9.31
CA ASP B 167 5.40 24.25 9.67
C ASP B 167 6.23 23.33 8.75
N VAL B 168 5.67 22.18 8.38
CA VAL B 168 6.38 21.27 7.49
C VAL B 168 6.41 21.82 6.07
N VAL B 169 5.30 22.45 5.64
CA VAL B 169 5.28 23.18 4.36
C VAL B 169 6.42 24.19 4.32
N GLN B 170 6.45 25.09 5.31
CA GLN B 170 7.44 26.16 5.32
C GLN B 170 8.85 25.61 5.46
N SER B 171 9.03 24.54 6.24
CA SER B 171 10.34 23.92 6.38
C SER B 171 10.83 23.38 5.04
N THR B 172 10.02 22.53 4.40
CA THR B 172 10.33 22.03 3.07
C THR B 172 10.69 23.16 2.12
N HIS B 173 9.96 24.27 2.21
CA HIS B 173 10.16 25.40 1.31
C HIS B 173 11.56 25.99 1.46
N VAL B 174 12.09 26.05 2.68
CA VAL B 174 13.45 26.54 2.88
C VAL B 174 14.45 25.54 2.33
N LEU B 175 14.28 24.27 2.67
CA LEU B 175 15.20 23.22 2.22
C LEU B 175 15.23 23.08 0.71
N LEU B 176 14.20 23.53 0.01
CA LEU B 176 14.25 23.56 -1.45
C LEU B 176 15.14 24.69 -1.94
N SER B 177 15.24 25.78 -1.18
CA SER B 177 16.01 26.96 -1.56
C SER B 177 17.44 26.91 -1.05
N THR B 178 17.91 25.76 -0.65
CA THR B 178 19.29 25.68 -0.21
C THR B 178 20.22 25.77 -1.42
N PRO B 179 21.35 26.47 -1.29
CA PRO B 179 22.29 26.59 -2.43
C PRO B 179 22.65 25.26 -3.07
N ALA B 180 23.01 24.26 -2.28
CA ALA B 180 23.49 22.98 -2.77
C ALA B 180 22.43 22.21 -3.56
N LEU B 181 21.24 22.80 -3.73
CA LEU B 181 20.16 22.17 -4.46
C LEU B 181 19.42 23.12 -5.40
N GLU B 182 19.94 24.32 -5.64
CA GLU B 182 19.14 25.32 -6.34
C GLU B 182 18.97 24.98 -7.81
N ALA B 183 17.81 25.37 -8.35
CA ALA B 183 17.43 25.12 -9.74
C ALA B 183 17.59 23.65 -10.13
N VAL B 184 17.62 22.75 -9.13
CA VAL B 184 17.84 21.33 -9.37
C VAL B 184 16.54 20.54 -9.49
N PHE B 185 15.42 21.12 -9.07
CA PHE B 185 14.12 20.48 -9.21
C PHE B 185 13.24 21.34 -10.11
N THR B 186 12.34 20.68 -10.86
CA THR B 186 11.37 21.40 -11.69
C THR B 186 10.58 22.43 -10.91
N ASP B 187 9.72 23.15 -11.62
CA ASP B 187 8.57 23.79 -11.00
C ASP B 187 7.55 22.76 -10.52
N LEU B 188 7.51 21.59 -11.17
CA LEU B 188 6.58 20.51 -10.84
C LEU B 188 7.06 19.70 -9.64
N GLU B 189 8.34 19.32 -9.64
CA GLU B 189 8.93 18.67 -8.47
C GLU B 189 8.89 19.57 -7.25
N ILE B 190 9.00 20.88 -7.45
CA ILE B 190 8.83 21.83 -6.35
C ILE B 190 7.38 21.87 -5.90
N LEU B 191 6.46 21.92 -6.86
CA LEU B 191 5.04 21.91 -6.54
C LEU B 191 4.65 20.62 -5.82
N ALA B 192 5.23 19.50 -6.22
CA ALA B 192 4.89 18.21 -5.60
C ALA B 192 5.31 18.19 -4.14
N ALA B 193 6.56 18.58 -3.87
CA ALA B 193 7.10 18.51 -2.51
C ALA B 193 6.32 19.41 -1.56
N ILE B 194 5.90 20.59 -2.03
CA ILE B 194 5.21 21.52 -1.16
C ILE B 194 3.76 21.12 -0.96
N PHE B 195 3.07 20.73 -2.04
CA PHE B 195 1.73 20.16 -1.91
C PHE B 195 1.74 18.91 -1.02
N ALA B 196 2.74 18.05 -1.19
CA ALA B 196 2.84 16.86 -0.36
C ALA B 196 2.99 17.23 1.11
N SER B 197 3.86 18.19 1.41
CA SER B 197 4.02 18.64 2.80
C SER B 197 2.69 19.15 3.36
N ALA B 198 1.91 19.84 2.53
CA ALA B 198 0.67 20.44 3.01
C ALA B 198 -0.36 19.38 3.40
N ILE B 199 -0.44 18.29 2.63
CA ILE B 199 -1.46 17.27 2.84
C ILE B 199 -0.94 16.10 3.66
N HIS B 200 0.32 16.12 4.10
CA HIS B 200 0.97 14.90 4.53
C HIS B 200 0.43 14.34 5.86
N ASP B 201 -0.36 15.10 6.62
CA ASP B 201 -0.98 14.58 7.84
C ASP B 201 -2.46 14.90 7.91
N VAL B 202 -3.12 15.16 6.78
CA VAL B 202 -4.48 15.69 6.83
C VAL B 202 -5.44 14.63 7.35
N ASP B 203 -6.40 15.07 8.17
CA ASP B 203 -7.39 14.21 8.81
C ASP B 203 -6.74 13.22 9.79
N HIS B 204 -5.62 13.63 10.39
CA HIS B 204 -4.96 12.79 11.38
C HIS B 204 -5.81 12.72 12.64
N PRO B 205 -6.15 11.53 13.14
CA PRO B 205 -7.03 11.42 14.31
C PRO B 205 -6.31 11.54 15.65
N GLY B 206 -5.00 11.75 15.65
CA GLY B 206 -4.25 11.90 16.89
C GLY B 206 -3.71 10.62 17.48
N VAL B 207 -3.73 9.51 16.74
CA VAL B 207 -3.26 8.23 17.23
C VAL B 207 -2.41 7.58 16.15
N SER B 208 -1.50 6.70 16.58
CA SER B 208 -0.47 6.17 15.70
C SER B 208 -1.04 5.07 14.79
N ASN B 209 -0.25 4.72 13.78
CA ASN B 209 -0.59 3.58 12.92
C ASN B 209 -0.77 2.32 13.76
N GLN B 210 0.11 2.10 14.74
CA GLN B 210 0.06 0.90 15.56
C GLN B 210 -1.22 0.85 16.39
N PHE B 211 -1.69 2.01 16.87
CA PHE B 211 -2.94 2.06 17.62
C PHE B 211 -4.12 1.68 16.73
N LEU B 212 -4.16 2.23 15.52
CA LEU B 212 -5.25 1.93 14.59
C LEU B 212 -5.23 0.45 14.20
N ILE B 213 -4.04 -0.13 14.04
CA ILE B 213 -3.92 -1.55 13.73
C ILE B 213 -4.45 -2.38 14.90
N ASN B 214 -3.96 -2.11 16.11
CA ASN B 214 -4.29 -2.92 17.28
C ASN B 214 -5.76 -2.85 17.65
N THR B 215 -6.45 -1.79 17.26
CA THR B 215 -7.85 -1.60 17.61
C THR B 215 -8.79 -1.95 16.48
N ASN B 216 -8.29 -2.64 15.44
CA ASN B 216 -9.09 -3.08 14.31
C ASN B 216 -9.92 -1.93 13.76
N SER B 217 -9.28 -0.76 13.64
CA SER B 217 -9.96 0.44 13.19
C SER B 217 -10.43 0.27 11.76
N GLU B 218 -11.41 1.10 11.38
CA GLU B 218 -11.83 1.10 9.98
C GLU B 218 -10.69 1.53 9.06
N LEU B 219 -9.82 2.42 9.54
CA LEU B 219 -8.68 2.84 8.74
C LEU B 219 -7.73 1.68 8.45
N ALA B 220 -7.33 0.95 9.49
CA ALA B 220 -6.41 -0.16 9.29
C ALA B 220 -7.05 -1.29 8.49
N LEU B 221 -8.38 -1.43 8.61
CA LEU B 221 -9.11 -2.39 7.78
C LEU B 221 -9.10 -1.97 6.32
N MET B 222 -9.31 -0.67 6.06
CA MET B 222 -9.26 -0.17 4.70
C MET B 222 -7.90 -0.41 4.06
N TYR B 223 -6.82 -0.14 4.82
CA TYR B 223 -5.48 -0.07 4.26
C TYR B 223 -4.60 -1.26 4.64
N ASN B 224 -5.18 -2.34 5.17
CA ASN B 224 -4.45 -3.58 5.42
C ASN B 224 -3.18 -3.35 6.23
N ASP B 225 -3.29 -2.52 7.27
CA ASP B 225 -2.25 -2.33 8.28
C ASP B 225 -0.96 -1.73 7.76
N SER B 226 -0.89 -1.35 6.49
CA SER B 226 0.34 -0.85 5.87
C SER B 226 0.21 0.65 5.60
N SER B 227 1.09 1.44 6.22
CA SER B 227 1.10 2.90 6.08
C SER B 227 -0.31 3.46 6.14
N VAL B 228 -1.03 3.02 7.19
CA VAL B 228 -2.47 3.27 7.30
C VAL B 228 -2.77 4.76 7.21
N LEU B 229 -2.18 5.55 8.12
CA LEU B 229 -2.42 6.98 8.13
C LEU B 229 -1.93 7.64 6.85
N GLU B 230 -0.72 7.27 6.41
CA GLU B 230 -0.10 7.94 5.27
C GLU B 230 -0.92 7.75 4.00
N ASN B 231 -1.47 6.55 3.80
CA ASN B 231 -2.36 6.34 2.67
C ASN B 231 -3.60 7.21 2.79
N HIS B 232 -4.12 7.37 4.01
CA HIS B 232 -5.33 8.16 4.23
C HIS B 232 -5.08 9.64 3.98
N HIS B 233 -3.96 10.18 4.47
CA HIS B 233 -3.66 11.59 4.22
C HIS B 233 -3.62 11.88 2.73
N LEU B 234 -2.96 11.01 1.96
CA LEU B 234 -2.92 11.16 0.51
C LEU B 234 -4.33 11.15 -0.07
N ALA B 235 -5.12 10.13 0.27
CA ALA B 235 -6.44 9.97 -0.32
C ALA B 235 -7.32 11.18 -0.01
N VAL B 236 -7.27 11.69 1.22
CA VAL B 236 -8.03 12.88 1.56
C VAL B 236 -7.48 14.08 0.80
N GLY B 237 -6.15 14.24 0.79
CA GLY B 237 -5.55 15.38 0.12
C GLY B 237 -5.91 15.45 -1.36
N PHE B 238 -5.96 14.31 -2.03
CA PHE B 238 -6.34 14.30 -3.44
C PHE B 238 -7.85 14.45 -3.60
N LYS B 239 -8.64 13.83 -2.72
CA LYS B 239 -10.10 13.87 -2.87
C LYS B 239 -10.62 15.29 -2.81
N LEU B 240 -10.07 16.11 -1.89
CA LEU B 240 -10.57 17.47 -1.71
C LEU B 240 -10.36 18.34 -2.95
N LEU B 241 -9.46 17.95 -3.84
CA LEU B 241 -9.31 18.68 -5.10
C LEU B 241 -10.59 18.66 -5.92
N GLN B 242 -11.43 17.65 -5.72
CA GLN B 242 -12.66 17.51 -6.48
C GLN B 242 -13.82 18.30 -5.91
N GLU B 243 -13.67 18.92 -4.74
CA GLU B 243 -14.71 19.81 -4.25
C GLU B 243 -14.76 21.05 -5.13
N GLU B 244 -15.91 21.72 -5.11
CA GLU B 244 -16.16 22.74 -6.11
C GLU B 244 -15.17 23.89 -6.00
N ASN B 245 -14.55 24.21 -7.14
CA ASN B 245 -13.55 25.26 -7.28
C ASN B 245 -12.30 24.96 -6.45
N CYS B 246 -11.97 23.69 -6.27
CA CYS B 246 -10.80 23.31 -5.50
C CYS B 246 -9.68 22.69 -6.32
N ASP B 247 -9.88 22.43 -7.61
CA ASP B 247 -8.89 21.73 -8.42
C ASP B 247 -7.78 22.70 -8.80
N ILE B 248 -6.78 22.82 -7.93
CA ILE B 248 -5.66 23.74 -8.16
C ILE B 248 -4.70 23.24 -9.24
N PHE B 249 -4.94 22.04 -9.78
CA PHE B 249 -4.12 21.50 -10.85
C PHE B 249 -4.89 21.43 -12.17
N GLN B 250 -5.97 22.21 -12.29
CA GLN B 250 -6.85 22.09 -13.45
C GLN B 250 -6.14 22.45 -14.75
N ASN B 251 -5.10 23.27 -14.69
CA ASN B 251 -4.41 23.73 -15.89
C ASN B 251 -3.04 23.10 -16.06
N LEU B 252 -2.75 22.04 -15.32
CA LEU B 252 -1.59 21.21 -15.63
C LEU B 252 -1.92 20.32 -16.82
N THR B 253 -0.91 19.99 -17.62
CA THR B 253 -1.13 18.96 -18.63
C THR B 253 -1.46 17.65 -17.93
N LYS B 254 -2.03 16.70 -18.67
CA LYS B 254 -2.48 15.48 -18.03
C LYS B 254 -1.31 14.60 -17.58
N LYS B 255 -0.21 14.57 -18.34
CA LYS B 255 0.96 13.83 -17.85
C LYS B 255 1.70 14.58 -16.74
N GLN B 256 1.59 15.91 -16.70
CA GLN B 256 2.05 16.64 -15.52
C GLN B 256 1.28 16.22 -14.29
N ARG B 257 -0.05 16.17 -14.41
CA ARG B 257 -0.90 15.72 -13.29
C ARG B 257 -0.52 14.32 -12.85
N GLN B 258 -0.25 13.44 -13.80
CA GLN B 258 0.15 12.06 -13.48
C GLN B 258 1.51 12.04 -12.81
N SER B 259 2.47 12.82 -13.32
CA SER B 259 3.79 12.88 -12.71
C SER B 259 3.70 13.44 -11.29
N LEU B 260 2.97 14.55 -11.13
CA LEU B 260 2.81 15.15 -9.81
C LEU B 260 2.15 14.17 -8.84
N ARG B 261 1.06 13.54 -9.26
CA ARG B 261 0.36 12.59 -8.39
C ARG B 261 1.30 11.51 -7.87
N LYS B 262 2.12 10.94 -8.77
CA LYS B 262 3.03 9.88 -8.36
C LYS B 262 4.10 10.39 -7.39
N MET B 263 4.66 11.57 -7.66
CA MET B 263 5.68 12.12 -6.77
C MET B 263 5.11 12.38 -5.38
N VAL B 264 3.91 12.98 -5.32
CA VAL B 264 3.27 13.26 -4.04
C VAL B 264 3.07 11.98 -3.23
N ILE B 265 2.61 10.92 -3.90
CA ILE B 265 2.39 9.64 -3.22
C ILE B 265 3.70 9.08 -2.68
N ASP B 266 4.72 9.02 -3.55
CA ASP B 266 6.03 8.54 -3.11
C ASP B 266 6.55 9.34 -1.92
N ILE B 267 6.30 10.64 -1.92
CA ILE B 267 6.81 11.50 -0.85
C ILE B 267 6.05 11.24 0.45
N VAL B 268 4.72 11.31 0.41
CA VAL B 268 3.95 11.19 1.65
C VAL B 268 4.05 9.79 2.23
N LEU B 269 4.03 8.76 1.39
CA LEU B 269 4.23 7.40 1.90
C LEU B 269 5.57 7.28 2.60
N ALA B 270 6.58 8.05 2.17
CA ALA B 270 7.87 8.03 2.81
C ALA B 270 7.88 8.67 4.20
N THR B 271 6.83 9.41 4.58
CA THR B 271 6.79 9.95 5.93
C THR B 271 6.43 8.91 6.98
N ASP B 272 6.01 7.71 6.56
CA ASP B 272 5.79 6.62 7.51
C ASP B 272 7.09 6.30 8.23
N MET B 273 7.05 6.35 9.57
CA MET B 273 8.25 6.11 10.36
C MET B 273 8.80 4.70 10.22
N SER B 274 7.95 3.73 9.83
CA SER B 274 8.47 2.38 9.61
C SER B 274 9.42 2.32 8.42
N LYS B 275 9.43 3.35 7.57
CA LYS B 275 10.35 3.44 6.45
C LYS B 275 11.59 4.27 6.74
N HIS B 276 11.71 4.84 7.95
CA HIS B 276 12.78 5.78 8.22
C HIS B 276 14.16 5.13 8.10
N MET B 277 14.31 3.90 8.60
CA MET B 277 15.63 3.25 8.62
C MET B 277 16.16 3.03 7.20
N ASN B 278 15.36 2.42 6.34
CA ASN B 278 15.80 2.17 4.97
C ASN B 278 15.97 3.48 4.20
N LEU B 279 15.11 4.46 4.48
CA LEU B 279 15.22 5.76 3.83
C LEU B 279 16.52 6.45 4.21
N LEU B 280 17.00 6.22 5.44
CA LEU B 280 18.24 6.84 5.91
C LEU B 280 19.46 6.15 5.30
N ALA B 281 19.48 4.82 5.32
CA ALA B 281 20.58 4.09 4.69
C ALA B 281 20.73 4.47 3.22
N ASP B 282 19.61 4.65 2.51
CA ASP B 282 19.66 5.10 1.13
C ASP B 282 20.23 6.50 1.02
N LEU B 283 19.89 7.37 1.98
CA LEU B 283 20.44 8.72 1.98
C LEU B 283 21.95 8.69 2.19
N LYS B 284 22.41 7.91 3.17
CA LYS B 284 23.85 7.74 3.39
C LYS B 284 24.54 7.26 2.12
N THR B 285 24.02 6.18 1.53
CA THR B 285 24.53 5.65 0.27
C THR B 285 24.73 6.74 -0.78
N MET B 286 23.69 7.56 -0.99
CA MET B 286 23.82 8.67 -1.94
C MET B 286 24.87 9.67 -1.50
N VAL B 287 25.05 9.84 -0.19
CA VAL B 287 26.04 10.79 0.30
C VAL B 287 27.45 10.31 0.03
N GLU B 288 27.72 9.01 0.24
CA GLU B 288 29.09 8.54 0.07
C GLU B 288 29.48 8.41 -1.40
N THR B 289 28.52 8.16 -2.30
CA THR B 289 28.80 8.10 -3.73
C THR B 289 28.33 9.35 -4.47
N LYS B 290 28.01 10.41 -3.73
CA LYS B 290 27.61 11.75 -4.18
C LYS B 290 28.48 12.37 -5.28
N LYS B 291 27.94 13.33 -6.04
CA LYS B 291 28.69 14.10 -7.04
C LYS B 291 28.16 15.53 -7.13
N VAL B 292 29.07 16.49 -7.37
CA VAL B 292 28.86 17.93 -7.18
C VAL B 292 29.47 18.69 -8.36
N THR B 293 29.04 19.96 -8.54
CA THR B 293 29.64 20.86 -9.52
C THR B 293 30.70 21.77 -8.89
N SER B 294 31.24 22.69 -9.70
CA SER B 294 32.29 23.59 -9.22
C SER B 294 31.72 24.67 -8.31
N SER B 295 30.57 25.23 -8.67
CA SER B 295 29.89 26.20 -7.80
C SER B 295 29.41 25.56 -6.51
N GLY B 296 29.20 24.25 -6.50
CA GLY B 296 28.82 23.52 -5.29
C GLY B 296 27.53 22.74 -5.39
N VAL B 297 26.84 22.74 -6.52
CA VAL B 297 25.49 22.18 -6.63
C VAL B 297 25.56 20.68 -6.94
N LEU B 298 24.58 19.94 -6.40
CA LEU B 298 24.58 18.49 -6.41
C LEU B 298 24.11 17.93 -7.75
N LEU B 299 24.55 16.70 -8.06
CA LEU B 299 24.30 16.06 -9.35
C LEU B 299 23.50 14.77 -9.17
N LEU B 300 22.21 14.84 -9.50
CA LEU B 300 21.31 13.69 -9.53
C LEU B 300 20.84 13.49 -10.97
N ASP B 301 20.99 12.29 -11.48
CA ASP B 301 20.68 12.07 -12.89
C ASP B 301 19.37 11.37 -13.16
N ASN B 302 18.88 10.53 -12.24
CA ASN B 302 17.71 9.72 -12.49
C ASN B 302 16.67 9.90 -11.38
N TYR B 303 15.39 9.76 -11.78
CA TYR B 303 14.27 9.96 -10.88
C TYR B 303 14.46 9.24 -9.54
N SER B 304 14.95 7.99 -9.60
CA SER B 304 15.12 7.18 -8.40
C SER B 304 15.86 7.94 -7.30
N ASP B 305 16.92 8.65 -7.68
CA ASP B 305 17.71 9.39 -6.69
C ASP B 305 17.05 10.70 -6.30
N ARG B 306 16.41 11.39 -7.25
CA ARG B 306 15.84 12.69 -6.96
C ARG B 306 14.61 12.59 -6.07
N ILE B 307 13.76 11.59 -6.30
CA ILE B 307 12.60 11.44 -5.46
C ILE B 307 13.03 11.00 -4.06
N GLN B 308 14.12 10.23 -3.96
CA GLN B 308 14.68 9.85 -2.68
C GLN B 308 15.15 11.06 -1.89
N VAL B 309 15.62 12.10 -2.57
CA VAL B 309 16.03 13.33 -1.90
C VAL B 309 14.81 14.12 -1.44
N LEU B 310 13.81 14.24 -2.33
CA LEU B 310 12.58 14.92 -1.95
C LEU B 310 11.85 14.17 -0.84
N GLN B 311 11.91 12.84 -0.87
CA GLN B 311 11.38 12.04 0.24
C GLN B 311 12.07 12.41 1.54
N ASN B 312 13.39 12.23 1.59
CA ASN B 312 14.14 12.56 2.80
C ASN B 312 13.99 14.04 3.17
N MET B 313 13.81 14.91 2.18
CA MET B 313 13.65 16.33 2.48
C MET B 313 12.40 16.59 3.32
N VAL B 314 11.24 16.15 2.82
CA VAL B 314 9.99 16.32 3.56
C VAL B 314 10.03 15.52 4.86
N HIS B 315 10.74 14.39 4.86
CA HIS B 315 10.96 13.61 6.08
C HIS B 315 11.76 14.40 7.09
N CYS B 316 12.79 15.13 6.64
CA CYS B 316 13.53 16.02 7.53
C CYS B 316 12.65 17.15 8.03
N ALA B 317 11.85 17.75 7.13
CA ALA B 317 10.92 18.80 7.53
C ALA B 317 9.93 18.30 8.58
N ASP B 318 9.49 17.05 8.44
CA ASP B 318 8.58 16.46 9.41
C ASP B 318 9.25 16.30 10.77
N LEU B 319 10.52 15.91 10.78
CA LEU B 319 11.31 15.77 12.00
C LEU B 319 12.20 16.99 12.24
N SER B 320 11.71 18.19 11.93
CA SER B 320 12.52 19.39 12.03
C SER B 320 12.36 20.12 13.36
N ASN B 321 11.38 19.74 14.19
CA ASN B 321 11.12 20.45 15.44
C ASN B 321 12.36 20.64 16.31
N PRO B 322 13.19 19.62 16.57
CA PRO B 322 14.38 19.86 17.41
C PRO B 322 15.48 20.66 16.74
N THR B 323 15.33 21.05 15.48
CA THR B 323 16.29 21.92 14.81
C THR B 323 15.88 23.38 14.82
N LYS B 324 14.68 23.70 15.28
CA LYS B 324 14.18 25.06 15.30
C LYS B 324 14.65 25.76 16.57
N PRO B 325 14.52 27.08 16.65
CA PRO B 325 14.85 27.78 17.90
C PRO B 325 14.07 27.22 19.07
N LEU B 326 14.71 27.24 20.24
CA LEU B 326 14.24 26.46 21.38
C LEU B 326 12.84 26.85 21.82
N GLN B 327 12.49 28.13 21.72
CA GLN B 327 11.15 28.52 22.15
C GLN B 327 10.09 27.93 21.23
N LEU B 328 10.43 27.66 19.96
CA LEU B 328 9.53 26.92 19.06
C LEU B 328 9.55 25.43 19.38
N TYR B 329 10.74 24.85 19.49
CA TYR B 329 10.91 23.42 19.77
C TYR B 329 10.16 23.01 21.03
N ARG B 330 10.22 23.83 22.07
CA ARG B 330 9.57 23.48 23.33
C ARG B 330 8.06 23.40 23.18
N GLN B 331 7.47 24.28 22.38
CA GLN B 331 6.04 24.21 22.16
C GLN B 331 5.66 22.97 21.34
N TRP B 332 6.54 22.55 20.42
CA TRP B 332 6.29 21.29 19.72
C TRP B 332 6.37 20.11 20.66
N THR B 333 7.30 20.15 21.63
CA THR B 333 7.41 19.06 22.58
C THR B 333 6.17 18.96 23.47
N ASP B 334 5.67 20.10 23.97
CA ASP B 334 4.43 20.09 24.72
C ASP B 334 3.30 19.44 23.92
N ARG B 335 3.21 19.78 22.63
CA ARG B 335 2.07 19.35 21.83
C ARG B 335 2.12 17.86 21.52
N ILE B 336 3.28 17.35 21.09
CA ILE B 336 3.36 15.94 20.77
C ILE B 336 3.14 15.09 22.02
N MET B 337 3.62 15.56 23.17
CA MET B 337 3.47 14.79 24.40
C MET B 337 2.02 14.83 24.89
N GLU B 338 1.35 15.97 24.73
CA GLU B 338 -0.09 16.01 24.99
C GLU B 338 -0.82 14.98 24.15
N GLU B 339 -0.53 14.94 22.85
CA GLU B 339 -1.18 13.98 21.96
C GLU B 339 -0.82 12.55 22.33
N PHE B 340 0.45 12.27 22.61
CA PHE B 340 0.87 10.94 23.04
C PHE B 340 0.16 10.51 24.31
N PHE B 341 0.13 11.38 25.32
CA PHE B 341 -0.55 11.07 26.56
C PHE B 341 -2.04 10.85 26.34
N ARG B 342 -2.67 11.73 25.55
CA ARG B 342 -4.08 11.55 25.22
C ARG B 342 -4.32 10.23 24.50
N GLN B 343 -3.31 9.71 23.80
CA GLN B 343 -3.43 8.38 23.22
C GLN B 343 -3.28 7.30 24.29
N GLY B 344 -2.21 7.38 25.09
CA GLY B 344 -1.92 6.33 26.04
C GLY B 344 -3.00 6.14 27.10
N ASP B 345 -3.76 7.20 27.38
CA ASP B 345 -4.94 7.06 28.22
C ASP B 345 -5.92 6.07 27.58
N ARG B 346 -6.17 6.22 26.28
CA ARG B 346 -7.10 5.33 25.60
C ARG B 346 -6.57 3.91 25.54
N GLU B 347 -5.24 3.73 25.45
CA GLU B 347 -4.66 2.40 25.52
C GLU B 347 -4.74 1.80 26.92
N ARG B 348 -4.98 2.64 27.92
CA ARG B 348 -5.03 2.16 29.29
C ARG B 348 -6.45 1.79 29.71
N GLU B 349 -7.47 2.45 29.15
CA GLU B 349 -8.81 1.92 29.29
C GLU B 349 -8.91 0.56 28.60
N ARG B 350 -8.70 0.56 27.27
CA ARG B 350 -8.77 -0.61 26.40
C ARG B 350 -7.93 -1.80 26.86
N GLY B 351 -6.98 -1.60 27.78
CA GLY B 351 -6.18 -2.70 28.26
C GLY B 351 -5.03 -3.09 27.36
N MET B 352 -4.60 -2.22 26.47
CA MET B 352 -3.47 -2.50 25.61
C MET B 352 -2.17 -2.15 26.32
N GLU B 353 -1.07 -2.69 25.81
CA GLU B 353 0.22 -2.16 26.22
C GLU B 353 0.25 -0.68 25.87
N ILE B 354 0.52 0.15 26.87
CA ILE B 354 0.65 1.57 26.58
C ILE B 354 1.89 1.77 25.72
N SER B 355 1.75 2.60 24.69
CA SER B 355 2.83 2.78 23.74
C SER B 355 3.97 3.53 24.40
N PRO B 356 5.19 3.37 23.89
CA PRO B 356 6.32 4.18 24.37
C PRO B 356 5.94 5.66 24.41
N MET B 357 6.32 6.31 25.51
CA MET B 357 6.20 7.76 25.71
C MET B 357 4.76 8.23 25.87
N CYS B 358 3.78 7.32 25.94
CA CYS B 358 2.39 7.71 26.04
C CYS B 358 1.82 7.52 27.44
N ASP B 359 2.57 6.93 28.35
CA ASP B 359 2.12 6.70 29.73
C ASP B 359 2.51 7.92 30.55
N LYS B 360 1.55 8.84 30.74
CA LYS B 360 1.83 10.07 31.48
C LYS B 360 2.27 9.80 32.90
N HIS B 361 2.05 8.60 33.41
CA HIS B 361 2.42 8.28 34.78
C HIS B 361 3.84 7.73 34.91
N ASN B 362 4.56 7.47 33.81
CA ASN B 362 5.94 6.98 33.91
C ASN B 362 6.91 7.58 32.90
N ALA B 363 6.46 8.44 31.99
CA ALA B 363 7.36 8.93 30.94
C ALA B 363 8.19 10.11 31.44
N SER B 364 9.40 10.23 30.90
CA SER B 364 10.21 11.44 31.04
C SER B 364 10.18 12.18 29.71
N VAL B 365 9.52 13.34 29.70
CA VAL B 365 9.43 14.17 28.50
C VAL B 365 10.82 14.52 28.00
N GLU B 366 11.73 14.85 28.91
CA GLU B 366 13.04 15.35 28.51
C GLU B 366 13.92 14.22 27.98
N LYS B 367 13.89 13.06 28.65
CA LYS B 367 14.68 11.93 28.16
C LYS B 367 14.19 11.46 26.80
N SER B 368 12.87 11.52 26.57
CA SER B 368 12.34 11.14 25.27
C SER B 368 12.88 12.03 24.15
N GLN B 369 13.01 13.34 24.43
CA GLN B 369 13.56 14.24 23.42
C GLN B 369 15.03 13.94 23.14
N VAL B 370 15.81 13.61 24.18
CA VAL B 370 17.22 13.30 23.97
C VAL B 370 17.37 12.01 23.17
N GLY B 371 16.54 11.00 23.46
CA GLY B 371 16.59 9.78 22.67
C GLY B 371 16.12 10.00 21.25
N PHE B 372 15.00 10.72 21.10
CA PHE B 372 14.51 11.12 19.78
C PHE B 372 15.58 11.82 18.97
N ILE B 373 16.34 12.71 19.60
CA ILE B 373 17.44 13.38 18.91
C ILE B 373 18.57 12.40 18.62
N ASP B 374 19.05 11.70 19.65
CA ASP B 374 20.20 10.81 19.49
C ASP B 374 19.95 9.75 18.43
N TYR B 375 18.77 9.13 18.43
CA TYR B 375 18.52 7.95 17.64
C TYR B 375 17.80 8.22 16.32
N ILE B 376 17.07 9.34 16.19
CA ILE B 376 16.29 9.60 14.99
C ILE B 376 16.73 10.89 14.31
N VAL B 377 16.57 12.02 15.03
CA VAL B 377 16.69 13.32 14.38
C VAL B 377 18.13 13.62 14.00
N HIS B 378 19.08 13.36 14.91
CA HIS B 378 20.46 13.73 14.59
C HIS B 378 21.09 12.81 13.55
N PRO B 379 20.87 11.49 13.61
CA PRO B 379 21.33 10.65 12.49
C PRO B 379 20.82 11.12 11.15
N LEU B 380 19.54 11.48 11.07
CA LEU B 380 18.97 11.92 9.80
C LEU B 380 19.55 13.26 9.35
N TRP B 381 19.63 14.23 10.26
CA TRP B 381 20.03 15.58 9.87
C TRP B 381 21.52 15.72 9.65
N GLU B 382 22.33 14.87 10.28
CA GLU B 382 23.75 14.83 9.98
C GLU B 382 23.97 14.39 8.54
N THR B 383 23.24 13.36 8.11
CA THR B 383 23.37 12.85 6.75
C THR B 383 22.90 13.89 5.74
N TRP B 384 21.76 14.53 6.02
CA TRP B 384 21.30 15.63 5.16
C TRP B 384 22.35 16.73 5.06
N ALA B 385 22.95 17.10 6.20
CA ALA B 385 23.93 18.18 6.21
C ALA B 385 25.11 17.87 5.31
N ASP B 386 25.58 16.62 5.32
CA ASP B 386 26.59 16.20 4.36
C ASP B 386 26.13 16.45 2.93
N LEU B 387 24.97 15.91 2.57
CA LEU B 387 24.46 16.01 1.21
C LEU B 387 24.48 17.45 0.72
N VAL B 388 24.14 18.41 1.58
CA VAL B 388 24.05 19.81 1.18
C VAL B 388 25.18 20.63 1.81
N HIS B 389 26.26 20.00 2.28
CA HIS B 389 27.37 20.68 2.95
C HIS B 389 27.80 21.89 2.11
N PRO B 390 27.72 23.11 2.66
CA PRO B 390 27.79 23.71 4.00
C PRO B 390 26.45 24.00 4.54
N ASP B 391 25.41 23.60 3.83
CA ASP B 391 24.25 24.47 3.83
C ASP B 391 23.40 24.26 5.06
N ALA B 392 23.54 23.11 5.72
CA ALA B 392 22.72 22.77 6.86
C ALA B 392 23.42 23.03 8.18
N GLN B 393 24.58 23.69 8.17
CA GLN B 393 25.37 23.79 9.40
C GLN B 393 24.64 24.59 10.47
N ASP B 394 24.01 25.71 10.09
CA ASP B 394 23.24 26.49 11.05
C ASP B 394 22.07 25.71 11.61
N ILE B 395 21.50 24.80 10.81
CA ILE B 395 20.42 23.95 11.30
C ILE B 395 20.98 22.89 12.24
N LEU B 396 22.01 22.17 11.79
CA LEU B 396 22.67 21.19 12.65
C LEU B 396 23.23 21.83 13.91
N ASP B 397 23.70 23.08 13.83
CA ASP B 397 24.14 23.82 15.01
C ASP B 397 23.02 23.91 16.04
N THR B 398 21.87 24.45 15.62
CA THR B 398 20.74 24.64 16.53
C THR B 398 20.29 23.32 17.14
N LEU B 399 20.30 22.25 16.35
CA LEU B 399 19.86 20.95 16.84
C LEU B 399 20.74 20.46 17.97
N GLU B 400 22.06 20.63 17.85
CA GLU B 400 22.97 20.13 18.86
C GLU B 400 22.95 21.01 20.12
N ASP B 401 22.71 22.32 19.96
CA ASP B 401 22.46 23.17 21.12
C ASP B 401 21.19 22.73 21.85
N ASN B 402 20.11 22.53 21.10
CA ASN B 402 18.84 22.14 21.70
C ASN B 402 18.96 20.79 22.39
N ARG B 403 19.76 19.89 21.84
CA ARG B 403 20.02 18.61 22.48
C ARG B 403 20.74 18.81 23.81
N GLU B 404 21.78 19.65 23.81
CA GLU B 404 22.52 19.92 25.04
C GLU B 404 21.61 20.51 26.11
N TRP B 405 20.70 21.41 25.71
CA TRP B 405 19.82 22.03 26.68
C TRP B 405 18.87 21.01 27.30
N TYR B 406 18.21 20.20 26.47
CA TYR B 406 17.29 19.20 27.00
C TYR B 406 18.00 18.22 27.93
N GLN B 407 19.24 17.83 27.58
CA GLN B 407 20.00 16.97 28.48
C GLN B 407 20.24 17.65 29.82
N SER B 408 20.49 18.97 29.81
CA SER B 408 20.77 19.67 31.06
C SER B 408 19.54 19.77 31.95
N THR B 409 18.33 19.62 31.40
CA THR B 409 17.13 19.61 32.22
C THR B 409 16.93 18.29 32.95
N ILE B 410 17.73 17.28 32.64
CA ILE B 410 17.68 16.00 33.34
C ILE B 410 18.63 16.02 34.52
ZN ZN C . -7.54 -13.94 -9.62
MG MG D . -6.63 -10.37 -8.81
C4 B6V E . -5.27 -14.60 -19.10
C14 B6V E . -3.44 -11.43 -17.06
C5 B6V E . -5.37 -14.51 -17.70
C6 B6V E . -6.08 -15.49 -17.01
C8 B6V E . -4.01 -12.62 -19.16
C9 B6V E . -4.13 -12.44 -17.77
C10 B6V E . -4.73 -13.46 -17.04
C13 B6V E . -4.47 -13.75 -21.26
N3 B6V E . -5.83 -15.62 -19.74
C25 B6V E . -0.07 -9.78 -18.31
C24 B6V E . -1.50 -9.73 -17.76
C26 B6V E . -2.20 -8.39 -17.55
C23 B6V E . -2.17 -11.09 -17.56
C15 B6V E . -3.11 -11.76 -15.56
O12 B6V E . -3.43 -11.81 -19.88
N7 B6V E . -4.60 -13.66 -19.79
C19 B6V E . -5.70 -13.27 -22.03
C2 B6V E . -6.51 -16.58 -19.11
C18 B6V E . -7.09 -17.62 -19.83
C1 B6V E . -6.65 -16.54 -17.72
O11 B6V E . -4.87 -13.35 -15.67
C16 B6V E . -4.38 -12.15 -14.97
C17 B6V E . -5.42 -11.03 -15.19
C20 B6V E . -4.63 -12.56 -13.51
C21 B6V E . -6.02 -13.11 -13.20
N22 B6V E . -6.44 -12.78 -11.98
O27 B6V E . -7.74 -13.30 -11.70
ZN ZN F . 3.90 14.97 10.14
MG MG G . 2.52 11.64 9.46
C4 B6V H . 8.66 13.54 18.64
C14 B6V H . 7.87 10.04 16.50
C5 B6V H . 8.14 13.62 17.35
C6 B6V H . 7.91 14.86 16.77
C8 B6V H . 8.63 11.20 18.56
C9 B6V H . 8.06 11.21 17.28
C10 B6V H . 7.91 12.45 16.65
C13 B6V H . 9.44 12.27 20.59
N3 B6V H . 8.93 14.67 19.32
C25 B6V H . 10.07 6.80 16.83
C24 B6V H . 8.75 7.56 16.74
C26 B6V H . 7.43 6.81 16.88
C23 B6V H . 8.87 9.08 16.62
C15 B6V H . 7.91 10.30 14.96
O12 B6V H . 8.86 10.16 19.17
N7 B6V H . 8.88 12.35 19.21
C19 B6V H . 8.45 12.63 21.69
C2 B6V H . 8.71 15.88 18.79
C18 B6V H . 9.01 17.02 19.53
C1 B6V H . 8.20 16.01 17.50
O11 B6V H . 7.36 12.54 15.39
C16 B6V H . 6.93 11.31 14.71
C17 B6V H . 5.56 10.91 15.28
C20 B6V H . 6.56 11.91 13.34
C21 B6V H . 5.60 13.09 13.37
N22 B6V H . 4.88 13.19 12.26
O27 B6V H . 4.00 14.26 12.25
#